data_8Z91
#
_entry.id   8Z91
#
_cell.length_a   87.749
_cell.length_b   87.749
_cell.length_c   172.194
_cell.angle_alpha   90.00
_cell.angle_beta   90.00
_cell.angle_gamma   120.00
#
_symmetry.space_group_name_H-M   'P 31 2 1'
#
loop_
_entity.id
_entity.type
_entity.pdbx_description
1 polymer Esterase
2 non-polymer 'ACETATE ION'
3 non-polymer DI(HYDROXYETHYL)ETHER
4 non-polymer 'PENTAETHYLENE GLYCOL'
5 non-polymer 'SULFATE ION'
6 water water
#
_entity_poly.entity_id   1
_entity_poly.type   'polypeptide(L)'
_entity_poly.pdbx_seq_one_letter_code
;HAGRLIEVKIPAPSLKGNLLGDPTEQSIAVYLPASYESAPAKRYPTLYLLHGYTGTNKTWTSPEAMNIRAMMDEMIKSGR
VQEMIVVAPNGWNAYKGAFYTNSAVTGNWEDYIYRDLVQYVDANYRTITRAESRGIAGHSMGGYGALTLAMNHADVFSAV
YALSPCCLGMEGDFTAENSAWLKTLRLKSKEQISARPRSLEEFYQNAFVALSAAFSPNLTRAPFFVDFPYQERDGVVEKN
EPAFAKWRSKMPLYMIGEKKADILKLRGIAIDVGEKEEFSHIRITTGQFSKALSEQNIPHMFEIYQGGTHNNKVRQRLET
RLLQFFSEKLDFTNPNAAALEHHHHHH
;
_entity_poly.pdbx_strand_id   A,B
#
# COMPACT_ATOMS: atom_id res chain seq x y z
N HIS A 1 14.85 -19.51 21.09
CA HIS A 1 15.64 -18.87 22.14
C HIS A 1 14.93 -17.61 22.67
N ALA A 2 15.34 -17.16 23.86
CA ALA A 2 14.56 -16.20 24.63
C ALA A 2 15.28 -14.85 24.72
N GLY A 3 14.59 -13.79 24.29
CA GLY A 3 15.04 -12.44 24.52
C GLY A 3 14.66 -11.99 25.91
N ARG A 4 14.92 -10.72 26.19
CA ARG A 4 14.63 -10.14 27.48
C ARG A 4 13.95 -8.80 27.26
N LEU A 5 13.01 -8.48 28.14
CA LEU A 5 12.43 -7.15 28.20
C LEU A 5 12.96 -6.46 29.45
N ILE A 6 13.54 -5.28 29.27
CA ILE A 6 14.14 -4.50 30.36
C ILE A 6 13.29 -3.25 30.59
N GLU A 7 12.94 -2.98 31.84
CA GLU A 7 12.25 -1.76 32.20
C GLU A 7 13.18 -0.91 33.04
N VAL A 8 13.28 0.37 32.72
CA VAL A 8 14.24 1.24 33.40
C VAL A 8 13.76 2.68 33.30
N LYS A 9 14.10 3.48 34.30
CA LYS A 9 13.80 4.89 34.34
C LYS A 9 15.00 5.67 33.79
N ILE A 10 14.75 6.62 32.88
CA ILE A 10 15.82 7.32 32.18
C ILE A 10 15.64 8.83 32.33
N PRO A 11 16.73 9.60 32.16
CA PRO A 11 16.60 11.07 32.20
C PRO A 11 15.73 11.60 31.07
N ALA A 12 14.84 12.54 31.40
CA ALA A 12 14.01 13.20 30.40
C ALA A 12 14.15 14.71 30.50
N PRO A 13 15.38 15.23 30.32
CA PRO A 13 15.59 16.67 30.51
C PRO A 13 14.79 17.55 29.57
N SER A 14 14.39 17.03 28.40
CA SER A 14 13.62 17.85 27.46
C SER A 14 12.23 18.20 28.00
N LEU A 15 11.78 17.53 29.05
CA LEU A 15 10.51 17.83 29.69
C LEU A 15 10.65 18.89 30.81
N LYS A 16 11.85 19.40 31.06
CA LYS A 16 12.04 20.34 32.16
C LYS A 16 11.24 21.62 31.93
N GLY A 17 10.59 22.09 32.98
CA GLY A 17 9.82 23.30 32.92
C GLY A 17 8.38 23.14 32.49
N ASN A 18 7.93 21.93 32.13
CA ASN A 18 6.54 21.74 31.77
C ASN A 18 5.64 22.12 32.95
N LEU A 19 4.44 22.56 32.62
CA LEU A 19 3.54 23.21 33.57
C LEU A 19 2.57 22.25 34.23
N LEU A 20 2.62 20.96 33.86
CA LEU A 20 1.59 20.00 34.23
C LEU A 20 2.03 19.02 35.31
N GLY A 21 3.25 19.13 35.81
CA GLY A 21 3.72 18.22 36.84
C GLY A 21 4.29 16.93 36.30
N ASP A 22 4.50 16.83 35.01
CA ASP A 22 5.02 15.55 34.53
C ASP A 22 6.51 15.43 34.82
N PRO A 23 6.96 14.25 35.22
CA PRO A 23 8.34 14.09 35.71
C PRO A 23 9.37 14.21 34.60
N THR A 24 10.56 14.68 34.98
CA THR A 24 11.71 14.77 34.09
C THR A 24 12.58 13.51 34.14
N GLU A 25 12.02 12.41 34.63
CA GLU A 25 12.55 11.06 34.48
C GLU A 25 11.38 10.23 33.98
N GLN A 26 11.66 9.29 33.07
CA GLN A 26 10.60 8.59 32.37
C GLN A 26 10.98 7.12 32.19
N SER A 27 10.01 6.23 32.37
CA SER A 27 10.28 4.82 32.19
C SER A 27 10.15 4.39 30.72
N ILE A 28 10.98 3.41 30.35
CA ILE A 28 10.98 2.81 29.02
C ILE A 28 11.11 1.30 29.18
N ALA A 29 10.74 0.60 28.12
CA ALA A 29 10.93 -0.84 28.01
C ALA A 29 11.77 -1.14 26.79
N VAL A 30 12.74 -2.04 26.95
CA VAL A 30 13.67 -2.38 25.88
C VAL A 30 13.70 -3.89 25.71
N TYR A 31 13.40 -4.36 24.50
CA TYR A 31 13.56 -5.77 24.15
C TYR A 31 14.94 -6.02 23.55
N LEU A 32 15.66 -6.96 24.13
CA LEU A 32 16.97 -7.39 23.61
C LEU A 32 16.86 -8.81 23.07
N PRO A 33 17.19 -9.07 21.80
CA PRO A 33 16.94 -10.40 21.24
C PRO A 33 17.84 -11.46 21.87
N ALA A 34 17.53 -12.71 21.52
CA ALA A 34 18.05 -13.85 22.28
C ALA A 34 19.56 -13.99 22.19
N SER A 35 20.18 -13.54 21.10
CA SER A 35 21.62 -13.71 20.96
C SER A 35 22.45 -12.67 21.71
N TYR A 36 21.79 -11.74 22.41
CA TYR A 36 22.49 -10.57 22.95
C TYR A 36 23.65 -10.95 23.86
N GLU A 37 23.48 -11.98 24.69
CA GLU A 37 24.55 -12.34 25.62
C GLU A 37 25.71 -13.03 24.90
N SER A 38 25.41 -13.97 24.01
CA SER A 38 26.43 -14.85 23.46
C SER A 38 27.08 -14.32 22.18
N ALA A 39 26.76 -13.09 21.77
CA ALA A 39 27.36 -12.46 20.59
C ALA A 39 27.80 -11.06 20.96
N PRO A 40 28.83 -10.94 21.82
CA PRO A 40 29.20 -9.61 22.34
C PRO A 40 29.67 -8.63 21.28
N ALA A 41 30.17 -9.10 20.13
CA ALA A 41 30.52 -8.18 19.06
C ALA A 41 29.31 -7.70 18.27
N LYS A 42 28.14 -8.33 18.43
CA LYS A 42 26.99 -8.04 17.59
C LYS A 42 26.23 -6.80 18.04
N ARG A 43 25.93 -5.93 17.08
CA ARG A 43 25.07 -4.78 17.29
C ARG A 43 23.83 -4.94 16.42
N TYR A 44 22.75 -4.28 16.83
CA TYR A 44 21.43 -4.56 16.25
C TYR A 44 20.78 -3.26 15.81
N PRO A 45 19.92 -3.32 14.78
CA PRO A 45 19.04 -2.18 14.51
C PRO A 45 18.00 -2.03 15.62
N THR A 46 17.39 -0.85 15.67
CA THR A 46 16.45 -0.49 16.73
C THR A 46 15.14 -0.05 16.13
N LEU A 47 14.02 -0.58 16.64
CA LEU A 47 12.69 -0.14 16.30
C LEU A 47 12.09 0.55 17.52
N TYR A 48 11.69 1.80 17.37
CA TYR A 48 11.04 2.59 18.42
C TYR A 48 9.54 2.53 18.19
N LEU A 49 8.79 2.13 19.21
CA LEU A 49 7.37 1.79 19.08
C LEU A 49 6.59 2.63 20.08
N LEU A 50 5.61 3.41 19.58
CA LEU A 50 4.93 4.45 20.37
C LEU A 50 3.45 4.11 20.59
N HIS A 51 3.01 4.21 21.84
CA HIS A 51 1.64 3.85 22.20
C HIS A 51 0.68 4.97 21.85
N GLY A 52 -0.63 4.70 21.98
CA GLY A 52 -1.66 5.67 21.63
C GLY A 52 -2.15 6.50 22.82
N TYR A 53 -3.18 7.32 22.54
CA TYR A 53 -3.73 8.21 23.54
C TYR A 53 -4.49 7.42 24.60
N THR A 54 -4.37 7.86 25.85
CA THR A 54 -4.77 7.16 27.08
C THR A 54 -3.97 5.89 27.34
N GLY A 55 -3.04 5.51 26.45
CA GLY A 55 -2.22 4.35 26.66
C GLY A 55 -0.86 4.66 27.30
N THR A 56 -0.15 3.59 27.65
CA THR A 56 1.25 3.63 28.02
C THR A 56 1.97 2.50 27.29
N ASN A 57 3.24 2.25 27.64
CA ASN A 57 3.94 1.19 26.93
C ASN A 57 3.43 -0.20 27.29
N LYS A 58 2.54 -0.32 28.28
CA LYS A 58 1.91 -1.58 28.61
C LYS A 58 1.07 -2.11 27.46
N THR A 59 0.61 -1.23 26.57
CA THR A 59 -0.03 -1.66 25.33
C THR A 59 0.84 -2.67 24.59
N TRP A 60 2.14 -2.42 24.57
CA TRP A 60 3.11 -3.28 23.91
C TRP A 60 3.63 -4.38 24.83
N THR A 61 3.87 -4.08 26.11
CA THR A 61 4.62 -5.03 26.95
C THR A 61 3.75 -6.01 27.73
N SER A 62 2.52 -5.66 28.06
CA SER A 62 1.77 -6.47 29.00
C SER A 62 1.38 -7.82 28.38
N PRO A 63 1.34 -8.88 29.19
CA PRO A 63 1.06 -10.22 28.63
C PRO A 63 -0.30 -10.34 27.96
N GLU A 64 -1.32 -9.68 28.49
CA GLU A 64 -2.63 -9.73 27.86
C GLU A 64 -2.84 -8.62 26.86
N ALA A 65 -1.86 -7.75 26.66
CA ALA A 65 -1.85 -6.79 25.58
C ALA A 65 -1.03 -7.38 24.42
N MET A 66 -0.13 -6.63 23.80
CA MET A 66 0.61 -7.20 22.66
C MET A 66 1.70 -8.18 23.07
N ASN A 67 2.11 -8.21 24.34
CA ASN A 67 3.13 -9.15 24.84
C ASN A 67 4.35 -9.21 23.91
N ILE A 68 4.98 -8.04 23.75
CA ILE A 68 6.01 -7.85 22.72
C ILE A 68 7.20 -8.79 22.93
N ARG A 69 7.55 -9.11 24.19
CA ARG A 69 8.62 -10.07 24.44
C ARG A 69 8.33 -11.42 23.78
N ALA A 70 7.17 -11.99 24.08
CA ALA A 70 6.82 -13.28 23.50
C ALA A 70 6.67 -13.17 21.98
N MET A 71 6.06 -12.09 21.50
CA MET A 71 5.91 -11.91 20.06
C MET A 71 7.27 -11.83 19.37
N MET A 72 8.22 -11.07 19.92
CA MET A 72 9.51 -11.01 19.24
C MET A 72 10.27 -12.33 19.38
N ASP A 73 10.21 -12.96 20.56
CA ASP A 73 10.86 -14.28 20.69
C ASP A 73 10.45 -15.21 19.56
N GLU A 74 9.15 -15.24 19.24
CA GLU A 74 8.63 -16.21 18.27
C GLU A 74 8.85 -15.75 16.82
N MET A 75 8.61 -14.45 16.54
CA MET A 75 8.90 -13.94 15.20
C MET A 75 10.35 -14.18 14.82
N ILE A 76 11.28 -14.12 15.79
CA ILE A 76 12.70 -14.29 15.53
C ILE A 76 13.06 -15.77 15.46
N LYS A 77 12.50 -16.56 16.38
CA LYS A 77 12.76 -18.00 16.39
C LYS A 77 12.32 -18.65 15.07
N SER A 78 11.16 -18.25 14.56
CA SER A 78 10.60 -18.85 13.36
C SER A 78 11.17 -18.28 12.07
N GLY A 79 12.12 -17.35 12.17
CA GLY A 79 12.72 -16.76 10.99
C GLY A 79 11.90 -15.73 10.26
N ARG A 80 10.77 -15.29 10.82
CA ARG A 80 9.92 -14.34 10.12
C ARG A 80 10.52 -12.94 10.13
N VAL A 81 11.30 -12.59 11.17
CA VAL A 81 12.02 -11.33 11.24
C VAL A 81 13.43 -11.57 11.77
N GLN A 82 14.34 -10.68 11.43
CA GLN A 82 15.70 -10.72 11.92
C GLN A 82 15.77 -10.06 13.31
N GLU A 83 16.80 -10.40 14.06
CA GLU A 83 16.94 -9.88 15.42
C GLU A 83 17.10 -8.35 15.41
N MET A 84 16.26 -7.68 16.19
CA MET A 84 16.35 -6.23 16.35
C MET A 84 16.01 -5.88 17.80
N ILE A 85 16.47 -4.71 18.21
CA ILE A 85 16.13 -4.19 19.53
C ILE A 85 14.84 -3.39 19.37
N VAL A 86 13.90 -3.59 20.29
CA VAL A 86 12.65 -2.84 20.27
C VAL A 86 12.58 -2.00 21.54
N VAL A 87 12.30 -0.71 21.37
CA VAL A 87 12.21 0.24 22.48
C VAL A 87 10.79 0.78 22.52
N ALA A 88 10.14 0.65 23.69
CA ALA A 88 8.77 1.16 23.89
C ALA A 88 8.75 2.19 25.00
N PRO A 89 8.79 3.49 24.69
CA PRO A 89 8.77 4.52 25.72
C PRO A 89 7.37 4.87 26.20
N ASN A 90 7.31 5.48 27.37
CA ASN A 90 6.07 6.10 27.82
C ASN A 90 5.99 7.52 27.27
N GLY A 91 4.83 7.87 26.74
CA GLY A 91 4.55 9.22 26.28
C GLY A 91 3.26 9.75 26.88
N TRP A 92 2.81 9.09 27.94
CA TRP A 92 1.65 9.52 28.70
C TRP A 92 2.00 10.79 29.49
N ASN A 93 1.03 11.70 29.64
CA ASN A 93 1.24 12.91 30.45
C ASN A 93 -0.03 13.20 31.23
N ALA A 94 -0.05 14.35 31.91
CA ALA A 94 -1.15 14.68 32.83
C ALA A 94 -2.50 14.72 32.13
N TYR A 95 -2.52 15.01 30.82
CA TYR A 95 -3.74 15.01 30.04
C TYR A 95 -3.94 13.70 29.27
N LYS A 96 -3.21 12.65 29.67
CA LYS A 96 -3.30 11.27 29.20
C LYS A 96 -2.63 11.05 27.86
N GLY A 97 -1.77 11.98 27.44
CA GLY A 97 -1.05 11.85 26.17
C GLY A 97 -0.54 13.16 25.61
N ALA A 98 0.75 13.24 25.31
CA ALA A 98 1.36 14.49 24.84
C ALA A 98 1.58 14.56 23.33
N PHE A 99 1.17 13.52 22.60
CA PHE A 99 1.28 13.46 21.12
C PHE A 99 2.71 13.70 20.62
N TYR A 100 3.73 13.35 21.44
CA TYR A 100 5.13 13.30 21.01
C TYR A 100 5.56 14.60 20.32
N THR A 101 5.04 15.72 20.83
CA THR A 101 5.18 17.05 20.23
C THR A 101 5.82 18.01 21.25
N ASN A 102 6.63 18.97 20.75
CA ASN A 102 7.23 19.99 21.60
C ASN A 102 6.22 21.09 21.95
N SER A 103 6.13 21.45 23.22
CA SER A 103 5.15 22.44 23.67
C SER A 103 5.64 23.11 24.95
N ALA A 104 5.45 24.43 25.03
CA ALA A 104 5.89 25.16 26.22
C ALA A 104 5.13 24.74 27.47
N VAL A 105 3.93 24.17 27.31
CA VAL A 105 3.14 23.70 28.44
C VAL A 105 3.47 22.25 28.79
N THR A 106 3.45 21.34 27.82
CA THR A 106 3.60 19.92 28.14
C THR A 106 5.04 19.47 28.30
N GLY A 107 5.98 20.22 27.73
CA GLY A 107 7.35 19.77 27.60
C GLY A 107 7.73 19.51 26.15
N ASN A 108 9.03 19.38 25.91
CA ASN A 108 9.54 19.11 24.56
C ASN A 108 9.55 17.61 24.27
N TRP A 109 8.35 17.07 24.06
CA TRP A 109 8.20 15.62 23.92
C TRP A 109 8.74 15.09 22.59
N GLU A 110 8.77 15.92 21.54
CA GLU A 110 9.46 15.52 20.32
C GLU A 110 10.96 15.36 20.59
N ASP A 111 11.56 16.33 21.29
CA ASP A 111 12.97 16.22 21.67
C ASP A 111 13.21 15.01 22.57
N TYR A 112 12.28 14.73 23.49
CA TYR A 112 12.42 13.55 24.35
C TYR A 112 12.67 12.28 23.52
N ILE A 113 11.90 12.07 22.44
CA ILE A 113 12.04 10.85 21.63
C ILE A 113 13.36 10.86 20.85
N TYR A 114 13.58 11.89 20.01
CA TYR A 114 14.68 11.74 19.05
C TYR A 114 16.03 12.08 19.67
N ARG A 115 16.06 12.82 20.77
CA ARG A 115 17.30 13.16 21.46
C ARG A 115 17.44 12.36 22.76
N ASP A 116 16.66 12.69 23.79
CA ASP A 116 16.86 12.05 25.11
C ASP A 116 16.83 10.54 25.03
N LEU A 117 15.80 10.00 24.35
CA LEU A 117 15.58 8.55 24.32
C LEU A 117 16.59 7.84 23.43
N VAL A 118 16.70 8.28 22.16
CA VAL A 118 17.60 7.60 21.23
C VAL A 118 19.03 7.62 21.78
N GLN A 119 19.46 8.78 22.29
CA GLN A 119 20.82 8.87 22.80
C GLN A 119 21.02 7.96 24.02
N TYR A 120 20.02 7.86 24.90
CA TYR A 120 20.12 6.93 26.03
C TYR A 120 20.24 5.48 25.58
N VAL A 121 19.38 5.06 24.64
CA VAL A 121 19.42 3.66 24.20
C VAL A 121 20.76 3.36 23.56
N ASP A 122 21.26 4.28 22.71
CA ASP A 122 22.52 4.03 22.00
C ASP A 122 23.71 3.97 22.95
N ALA A 123 23.65 4.66 24.09
CA ALA A 123 24.76 4.67 25.03
C ALA A 123 24.74 3.45 25.95
N ASN A 124 23.58 2.83 26.14
CA ASN A 124 23.44 1.76 27.09
C ASN A 124 23.22 0.38 26.48
N TYR A 125 22.93 0.30 25.18
CA TYR A 125 22.68 -0.98 24.51
C TYR A 125 23.37 -1.00 23.15
N ARG A 126 23.65 -2.21 22.67
CA ARG A 126 24.51 -2.40 21.49
C ARG A 126 23.68 -2.23 20.21
N THR A 127 23.36 -0.97 19.91
CA THR A 127 22.64 -0.58 18.70
C THR A 127 23.60 -0.22 17.56
N ILE A 128 23.11 -0.36 16.34
CA ILE A 128 23.78 0.20 15.15
C ILE A 128 23.40 1.67 15.06
N THR A 129 24.38 2.56 15.23
CA THR A 129 24.07 3.98 15.28
C THR A 129 24.14 4.62 13.88
N ARG A 130 23.18 4.23 13.04
CA ARG A 130 22.98 4.78 11.69
C ARG A 130 21.49 4.91 11.48
N ALA A 131 21.05 6.00 10.84
CA ALA A 131 19.62 6.14 10.54
C ALA A 131 19.11 4.95 9.73
N GLU A 132 19.95 4.43 8.82
CA GLU A 132 19.56 3.28 8.01
C GLU A 132 19.20 2.07 8.86
N SER A 133 19.58 2.08 10.14
CA SER A 133 19.33 0.98 11.06
C SER A 133 18.40 1.38 12.20
N ARG A 134 17.63 2.47 12.05
CA ARG A 134 16.71 2.93 13.08
C ARG A 134 15.34 3.16 12.45
N GLY A 135 14.32 2.50 13.01
CA GLY A 135 12.96 2.70 12.55
C GLY A 135 12.05 3.19 13.65
N ILE A 136 10.88 3.72 13.27
CA ILE A 136 9.95 4.27 14.27
C ILE A 136 8.54 3.94 13.83
N ALA A 137 7.68 3.61 14.79
CA ALA A 137 6.33 3.16 14.47
C ALA A 137 5.42 3.43 15.65
N GLY A 138 4.12 3.38 15.41
CA GLY A 138 3.20 3.66 16.51
C GLY A 138 1.78 3.46 16.05
N HIS A 139 0.89 3.45 17.03
CA HIS A 139 -0.54 3.29 16.83
C HIS A 139 -1.23 4.56 17.32
N SER A 140 -2.17 5.05 16.50
CA SER A 140 -3.00 6.24 16.75
C SER A 140 -2.18 7.45 17.15
N MET A 141 -2.22 7.89 18.42
CA MET A 141 -1.40 9.05 18.78
C MET A 141 0.08 8.72 18.55
N GLY A 142 0.45 7.43 18.65
CA GLY A 142 1.81 7.05 18.33
C GLY A 142 2.09 6.95 16.84
N GLY A 143 1.05 6.81 16.02
CA GLY A 143 1.28 6.81 14.58
C GLY A 143 1.47 8.24 14.12
N TYR A 144 0.70 9.16 14.71
CA TYR A 144 0.97 10.58 14.53
C TYR A 144 2.41 10.90 14.90
N GLY A 145 2.84 10.46 16.09
CA GLY A 145 4.20 10.73 16.54
C GLY A 145 5.28 10.15 15.65
N ALA A 146 5.09 8.90 15.19
CA ALA A 146 6.11 8.28 14.34
C ALA A 146 6.28 9.03 13.02
N LEU A 147 5.16 9.41 12.39
CA LEU A 147 5.21 10.14 11.13
C LEU A 147 5.89 11.50 11.31
N THR A 148 5.44 12.29 12.29
CA THR A 148 6.01 13.63 12.47
C THR A 148 7.49 13.53 12.84
N LEU A 149 7.86 12.55 13.69
CA LEU A 149 9.27 12.39 14.05
C LEU A 149 10.11 11.96 12.84
N ALA A 150 9.56 11.06 12.02
CA ALA A 150 10.30 10.64 10.82
C ALA A 150 10.44 11.77 9.83
N MET A 151 9.35 12.53 9.60
CA MET A 151 9.47 13.63 8.65
C MET A 151 10.40 14.73 9.14
N ASN A 152 10.50 14.91 10.46
CA ASN A 152 11.32 15.97 11.02
C ASN A 152 12.76 15.52 11.29
N HIS A 153 13.02 14.21 11.32
CA HIS A 153 14.34 13.72 11.70
C HIS A 153 14.70 12.50 10.84
N ALA A 154 14.67 12.70 9.53
CA ALA A 154 15.07 11.65 8.60
C ALA A 154 16.57 11.35 8.67
N ASP A 155 17.35 12.20 9.35
CA ASP A 155 18.74 11.87 9.63
C ASP A 155 18.88 11.00 10.89
N VAL A 156 17.77 10.66 11.53
CA VAL A 156 17.76 9.79 12.71
C VAL A 156 16.99 8.50 12.46
N PHE A 157 15.84 8.59 11.80
CA PHE A 157 15.00 7.44 11.50
C PHE A 157 14.87 7.33 9.99
N SER A 158 15.04 6.13 9.46
CA SER A 158 14.96 5.94 8.01
C SER A 158 13.69 5.25 7.57
N ALA A 159 12.89 4.72 8.49
CA ALA A 159 11.71 3.96 8.11
C ALA A 159 10.62 4.23 9.14
N VAL A 160 9.39 4.39 8.66
CA VAL A 160 8.28 4.75 9.55
C VAL A 160 7.04 3.93 9.17
N TYR A 161 6.35 3.41 10.20
CA TYR A 161 5.09 2.69 10.05
C TYR A 161 4.04 3.28 10.98
N ALA A 162 2.96 3.82 10.41
CA ALA A 162 1.89 4.41 11.21
C ALA A 162 0.63 3.52 11.15
N LEU A 163 0.26 2.94 12.29
CA LEU A 163 -0.98 2.19 12.43
C LEU A 163 -2.12 3.11 12.83
N SER A 164 -3.11 3.26 11.94
CA SER A 164 -4.30 4.06 12.15
C SER A 164 -3.93 5.38 12.85
N PRO A 165 -3.04 6.20 12.25
CA PRO A 165 -2.57 7.40 12.94
C PRO A 165 -3.70 8.39 13.18
N CYS A 166 -3.69 9.04 14.36
CA CYS A 166 -4.56 10.18 14.67
C CYS A 166 -3.96 11.48 14.15
N CYS A 167 -4.81 12.51 14.10
CA CYS A 167 -4.37 13.90 13.94
C CYS A 167 -3.59 14.16 12.65
N LEU A 168 -3.84 13.40 11.56
CA LEU A 168 -3.16 13.74 10.32
C LEU A 168 -3.68 15.04 9.71
N GLY A 169 -4.97 15.35 9.94
CA GLY A 169 -5.58 16.54 9.37
C GLY A 169 -6.86 16.85 10.10
N MET A 170 -7.51 17.96 9.70
CA MET A 170 -8.74 18.45 10.33
C MET A 170 -9.93 18.03 9.48
N GLU A 171 -10.51 16.88 9.80
CA GLU A 171 -11.69 16.37 9.13
C GLU A 171 -12.56 15.66 10.16
N GLY A 172 -13.81 15.40 9.76
CA GLY A 172 -14.72 14.57 10.53
C GLY A 172 -14.80 14.92 12.01
N ASP A 173 -14.54 13.94 12.88
CA ASP A 173 -14.80 14.10 14.30
C ASP A 173 -13.81 15.02 15.01
N PHE A 174 -12.84 15.60 14.29
CA PHE A 174 -11.97 16.60 14.89
C PHE A 174 -12.47 18.02 14.67
N THR A 175 -13.53 18.20 13.89
CA THR A 175 -14.05 19.51 13.55
C THR A 175 -15.29 19.81 14.39
N ALA A 176 -15.91 20.97 14.12
CA ALA A 176 -17.10 21.37 14.85
C ALA A 176 -18.30 20.47 14.58
N GLU A 177 -18.23 19.59 13.58
CA GLU A 177 -19.20 18.49 13.47
C GLU A 177 -19.40 17.81 14.81
N ASN A 178 -18.31 17.60 15.54
CA ASN A 178 -18.31 16.84 16.79
C ASN A 178 -18.98 17.67 17.87
N SER A 179 -20.16 17.23 18.31
CA SER A 179 -20.87 17.93 19.39
C SER A 179 -20.05 17.97 20.68
N ALA A 180 -18.95 17.21 20.79
CA ALA A 180 -18.14 17.25 22.00
C ALA A 180 -17.37 18.56 22.14
N TRP A 181 -17.16 19.30 21.05
CA TRP A 181 -16.42 20.55 21.14
C TRP A 181 -17.15 21.55 22.03
N LEU A 182 -18.48 21.61 21.92
CA LEU A 182 -19.26 22.51 22.77
C LEU A 182 -19.04 22.20 24.24
N LYS A 183 -19.12 20.92 24.61
CA LYS A 183 -18.93 20.55 26.01
C LYS A 183 -17.50 20.76 26.44
N THR A 184 -16.55 20.65 25.51
CA THR A 184 -15.15 20.84 25.86
C THR A 184 -14.86 22.29 26.18
N LEU A 185 -15.44 23.22 25.41
CA LEU A 185 -15.21 24.64 25.63
C LEU A 185 -15.80 25.14 26.94
N ARG A 186 -16.69 24.36 27.58
CA ARG A 186 -17.32 24.74 28.83
C ARG A 186 -16.71 24.02 30.03
N LEU A 187 -15.64 23.27 29.83
CA LEU A 187 -14.99 22.55 30.92
C LEU A 187 -14.43 23.54 31.93
N LYS A 188 -14.55 23.20 33.22
CA LYS A 188 -14.19 24.10 34.31
C LYS A 188 -12.94 23.69 35.07
N SER A 189 -12.61 22.40 35.13
CA SER A 189 -11.52 21.97 35.99
C SER A 189 -10.91 20.67 35.47
N LYS A 190 -9.62 20.48 35.83
CA LYS A 190 -8.96 19.20 35.58
C LYS A 190 -9.70 18.05 36.25
N GLU A 191 -10.44 18.31 37.32
CA GLU A 191 -11.19 17.26 38.00
C GLU A 191 -12.17 16.57 37.07
N GLN A 192 -12.77 17.32 36.14
CA GLN A 192 -13.76 16.76 35.24
C GLN A 192 -13.18 15.79 34.22
N ILE A 193 -11.85 15.77 34.07
CA ILE A 193 -11.22 14.93 33.06
C ILE A 193 -10.15 14.06 33.69
N SER A 194 -10.23 13.82 35.00
CA SER A 194 -9.22 13.02 35.67
C SER A 194 -9.48 11.51 35.56
N ALA A 195 -10.72 11.07 35.66
CA ALA A 195 -10.98 9.65 35.58
C ALA A 195 -10.69 9.12 34.17
N ARG A 196 -10.58 7.80 34.09
CA ARG A 196 -10.49 7.16 32.79
C ARG A 196 -11.75 7.48 31.99
N PRO A 197 -11.63 7.90 30.73
CA PRO A 197 -12.83 8.11 29.91
C PRO A 197 -13.58 6.79 29.74
N ARG A 198 -14.88 6.84 29.94
CA ARG A 198 -15.74 5.68 29.80
C ARG A 198 -16.59 5.70 28.54
N SER A 199 -17.09 6.88 28.16
CA SER A 199 -17.94 7.04 27.00
C SER A 199 -17.14 7.70 25.88
N LEU A 200 -17.82 7.94 24.76
CA LEU A 200 -17.16 8.59 23.64
C LEU A 200 -16.95 10.08 23.91
N GLU A 201 -17.96 10.76 24.46
CA GLU A 201 -17.83 12.18 24.77
C GLU A 201 -16.68 12.45 25.73
N GLU A 202 -16.55 11.63 26.79
CA GLU A 202 -15.44 11.84 27.71
C GLU A 202 -14.09 11.62 27.04
N PHE A 203 -14.01 10.64 26.13
CA PHE A 203 -12.77 10.45 25.38
C PHE A 203 -12.41 11.72 24.60
N TYR A 204 -13.39 12.31 23.90
CA TYR A 204 -13.11 13.48 23.08
C TYR A 204 -12.76 14.70 23.94
N GLN A 205 -13.51 14.90 25.03
CA GLN A 205 -13.22 16.02 25.92
C GLN A 205 -11.78 15.96 26.41
N ASN A 206 -11.37 14.80 26.92
CA ASN A 206 -10.02 14.65 27.45
C ASN A 206 -8.98 14.82 26.34
N ALA A 207 -9.26 14.30 25.15
CA ALA A 207 -8.30 14.39 24.05
C ALA A 207 -8.16 15.82 23.54
N PHE A 208 -9.27 16.55 23.45
CA PHE A 208 -9.21 17.92 22.92
C PHE A 208 -8.40 18.83 23.84
N VAL A 209 -8.49 18.62 25.16
CA VAL A 209 -7.62 19.36 26.09
C VAL A 209 -6.17 18.98 25.86
N ALA A 210 -5.89 17.68 25.76
CA ALA A 210 -4.52 17.21 25.55
C ALA A 210 -3.93 17.81 24.29
N LEU A 211 -4.70 17.77 23.19
CA LEU A 211 -4.19 18.27 21.92
C LEU A 211 -3.99 19.77 21.95
N SER A 212 -4.90 20.49 22.61
CA SER A 212 -4.70 21.94 22.73
C SER A 212 -3.43 22.26 23.51
N ALA A 213 -3.13 21.47 24.55
CA ALA A 213 -1.90 21.74 25.28
C ALA A 213 -0.68 21.44 24.43
N ALA A 214 -0.79 20.46 23.53
CA ALA A 214 0.30 20.05 22.64
C ALA A 214 0.47 21.01 21.47
N PHE A 215 -0.63 21.37 20.81
CA PHE A 215 -0.59 22.14 19.56
C PHE A 215 -0.77 23.64 19.75
N SER A 216 -1.59 24.09 20.72
CA SER A 216 -1.86 25.52 20.91
C SER A 216 -1.82 25.87 22.40
N PRO A 217 -0.68 25.66 23.05
CA PRO A 217 -0.57 25.95 24.49
C PRO A 217 -0.70 27.44 24.77
N ASN A 218 -1.14 27.77 25.98
CA ASN A 218 -1.22 29.16 26.43
C ASN A 218 -0.73 29.20 27.86
N LEU A 219 0.47 29.73 28.07
CA LEU A 219 1.12 29.68 29.38
C LEU A 219 0.36 30.46 30.44
N THR A 220 -0.58 31.32 30.04
CA THR A 220 -1.22 32.23 30.97
C THR A 220 -2.68 31.88 31.23
N ARG A 221 -3.24 30.87 30.57
CA ARG A 221 -4.69 30.69 30.60
C ARG A 221 -5.03 29.47 31.47
N ALA A 222 -5.28 29.73 32.74
CA ALA A 222 -5.92 28.75 33.61
C ALA A 222 -7.29 28.40 33.04
N PRO A 223 -7.80 27.18 33.32
CA PRO A 223 -7.25 26.19 34.23
C PRO A 223 -6.39 25.12 33.56
N PHE A 224 -6.39 25.09 32.22
CA PHE A 224 -5.73 24.02 31.47
C PHE A 224 -4.43 24.44 30.82
N PHE A 225 -4.19 25.74 30.66
CA PHE A 225 -3.02 26.31 29.99
C PHE A 225 -3.05 26.01 28.48
N VAL A 226 -4.23 26.16 27.86
CA VAL A 226 -4.42 25.89 26.45
C VAL A 226 -5.23 27.02 25.80
N ASP A 227 -5.06 27.16 24.49
CA ASP A 227 -6.03 27.84 23.64
C ASP A 227 -6.79 26.77 22.86
N PHE A 228 -8.07 26.96 22.71
CA PHE A 228 -8.74 25.96 21.89
C PHE A 228 -8.77 26.42 20.42
N PRO A 229 -8.78 25.49 19.45
CA PRO A 229 -8.89 25.91 18.06
C PRO A 229 -10.27 26.41 17.69
N TYR A 230 -11.25 26.26 18.58
CA TYR A 230 -12.62 26.68 18.34
C TYR A 230 -13.06 27.59 19.48
N GLN A 231 -14.20 28.24 19.29
CA GLN A 231 -14.75 29.15 20.28
C GLN A 231 -16.24 29.26 20.07
N GLU A 232 -16.93 29.65 21.13
CA GLU A 232 -18.38 29.77 21.11
C GLU A 232 -18.78 31.23 20.97
N ARG A 233 -19.76 31.48 20.12
CA ARG A 233 -20.34 32.81 19.92
C ARG A 233 -21.83 32.61 19.67
N ASP A 234 -22.66 33.06 20.61
CA ASP A 234 -24.12 32.86 20.63
C ASP A 234 -24.49 31.44 21.02
N GLY A 235 -23.57 30.50 20.87
CA GLY A 235 -23.88 29.11 21.13
C GLY A 235 -23.58 28.23 19.93
N VAL A 236 -22.97 28.82 18.90
CA VAL A 236 -22.51 28.09 17.73
C VAL A 236 -20.99 28.11 17.73
N VAL A 237 -20.39 26.94 17.49
CA VAL A 237 -18.93 26.79 17.49
C VAL A 237 -18.36 27.34 16.20
N GLU A 238 -17.35 28.20 16.32
CA GLU A 238 -16.64 28.76 15.18
C GLU A 238 -15.14 28.63 15.42
N LYS A 239 -14.38 28.80 14.34
CA LYS A 239 -12.94 28.72 14.43
C LYS A 239 -12.40 29.81 15.33
N ASN A 240 -11.39 29.47 16.13
CA ASN A 240 -10.55 30.45 16.82
C ASN A 240 -9.26 30.50 16.01
N GLU A 241 -9.25 31.41 15.03
CA GLU A 241 -8.32 31.29 13.90
C GLU A 241 -6.84 31.20 14.25
N PRO A 242 -6.29 31.91 15.25
CA PRO A 242 -4.85 31.73 15.51
C PRO A 242 -4.50 30.38 16.10
N ALA A 243 -5.31 29.83 17.00
CA ALA A 243 -5.05 28.48 17.48
C ALA A 243 -5.33 27.44 16.40
N PHE A 244 -6.41 27.65 15.63
CA PHE A 244 -6.70 26.77 14.49
C PHE A 244 -5.51 26.67 13.54
N ALA A 245 -4.92 27.82 13.19
CA ALA A 245 -3.77 27.78 12.29
C ALA A 245 -2.60 27.02 12.91
N LYS A 246 -2.44 27.10 14.24
CA LYS A 246 -1.38 26.36 14.91
C LYS A 246 -1.61 24.86 14.82
N TRP A 247 -2.85 24.41 14.95
CA TRP A 247 -3.15 22.99 14.79
C TRP A 247 -2.78 22.52 13.39
N ARG A 248 -3.17 23.30 12.37
CA ARG A 248 -2.86 22.91 11.00
C ARG A 248 -1.36 22.80 10.80
N SER A 249 -0.58 23.67 11.43
CA SER A 249 0.88 23.64 11.29
C SER A 249 1.50 22.41 11.93
N LYS A 250 0.76 21.69 12.78
CA LYS A 250 1.25 20.48 13.42
C LYS A 250 0.78 19.20 12.73
N MET A 251 0.08 19.32 11.60
CA MET A 251 -0.64 18.18 11.04
C MET A 251 0.02 17.71 9.76
N PRO A 252 0.51 16.46 9.72
CA PRO A 252 1.36 16.02 8.61
C PRO A 252 0.74 16.15 7.24
N LEU A 253 -0.59 16.00 7.14
CA LEU A 253 -1.26 16.13 5.85
C LEU A 253 -0.91 17.46 5.18
N TYR A 254 -0.69 18.51 5.97
CA TYR A 254 -0.45 19.83 5.42
C TYR A 254 1.02 20.19 5.39
N MET A 255 1.91 19.28 5.75
CA MET A 255 3.35 19.55 5.75
C MET A 255 4.10 18.86 4.63
N ILE A 256 3.41 18.15 3.74
CA ILE A 256 4.11 17.35 2.75
C ILE A 256 4.87 18.24 1.77
N GLY A 257 4.25 19.33 1.32
CA GLY A 257 4.94 20.27 0.45
C GLY A 257 6.21 20.81 1.08
N GLU A 258 6.17 21.12 2.37
CA GLU A 258 7.30 21.74 3.02
C GLU A 258 8.41 20.75 3.31
N LYS A 259 8.07 19.54 3.74
CA LYS A 259 9.05 18.55 4.17
C LYS A 259 9.38 17.54 3.07
N LYS A 260 9.05 17.85 1.82
CA LYS A 260 9.12 16.84 0.76
C LYS A 260 10.51 16.24 0.64
N ALA A 261 11.55 17.09 0.66
CA ALA A 261 12.90 16.59 0.49
C ALA A 261 13.30 15.68 1.65
N ASP A 262 12.84 16.00 2.86
CA ASP A 262 13.12 15.12 4.01
C ASP A 262 12.28 13.86 3.95
N ILE A 263 11.02 13.96 3.54
CA ILE A 263 10.23 12.73 3.38
C ILE A 263 10.88 11.81 2.36
N LEU A 264 11.52 12.38 1.33
CA LEU A 264 12.15 11.56 0.31
C LEU A 264 13.41 10.87 0.82
N LYS A 265 13.97 11.33 1.94
CA LYS A 265 15.12 10.63 2.50
C LYS A 265 14.74 9.37 3.27
N LEU A 266 13.47 9.18 3.63
CA LEU A 266 13.07 7.93 4.25
C LEU A 266 13.08 6.79 3.23
N ARG A 267 13.56 5.63 3.67
CA ARG A 267 13.62 4.44 2.82
C ARG A 267 12.35 3.59 2.92
N GLY A 268 11.60 3.71 4.00
CA GLY A 268 10.29 3.08 4.07
C GLY A 268 9.26 3.97 4.74
N ILE A 269 8.06 4.00 4.17
CA ILE A 269 6.91 4.74 4.69
C ILE A 269 5.68 3.86 4.51
N ALA A 270 5.04 3.48 5.61
CA ALA A 270 3.78 2.73 5.53
C ALA A 270 2.73 3.34 6.46
N ILE A 271 1.48 3.37 5.99
CA ILE A 271 0.32 3.85 6.75
C ILE A 271 -0.80 2.84 6.53
N ASP A 272 -1.51 2.47 7.60
CA ASP A 272 -2.68 1.63 7.39
C ASP A 272 -3.82 2.07 8.31
N VAL A 273 -4.99 1.51 8.04
CA VAL A 273 -6.20 1.87 8.76
C VAL A 273 -7.21 0.73 8.55
N GLY A 274 -7.98 0.45 9.59
CA GLY A 274 -9.02 -0.54 9.49
C GLY A 274 -10.24 -0.02 8.74
N GLU A 275 -10.86 -0.95 7.99
CA GLU A 275 -12.13 -0.66 7.32
C GLU A 275 -13.17 -0.08 8.26
N LYS A 276 -13.24 -0.58 9.51
CA LYS A 276 -14.27 -0.20 10.47
C LYS A 276 -13.75 0.77 11.53
N GLU A 277 -12.72 1.54 11.21
CA GLU A 277 -12.20 2.62 12.04
C GLU A 277 -13.34 3.53 12.53
N GLU A 278 -13.50 3.66 13.86
CA GLU A 278 -14.61 4.42 14.42
C GLU A 278 -14.37 5.92 14.40
N PHE A 279 -13.12 6.38 14.40
CA PHE A 279 -12.82 7.81 14.41
C PHE A 279 -12.83 8.31 12.97
N SER A 280 -13.88 9.04 12.59
CA SER A 280 -14.04 9.43 11.20
C SER A 280 -12.85 10.20 10.66
N HIS A 281 -12.17 11.01 11.48
CA HIS A 281 -11.05 11.76 10.93
C HIS A 281 -9.89 10.86 10.55
N ILE A 282 -9.68 9.75 11.26
CA ILE A 282 -8.63 8.81 10.90
C ILE A 282 -8.96 8.16 9.55
N ARG A 283 -10.20 7.69 9.41
CA ARG A 283 -10.63 7.08 8.16
C ARG A 283 -10.43 8.03 6.98
N ILE A 284 -10.88 9.28 7.12
CA ILE A 284 -10.80 10.26 6.06
C ILE A 284 -9.35 10.64 5.76
N THR A 285 -8.58 11.03 6.79
CA THR A 285 -7.30 11.67 6.52
C THR A 285 -6.20 10.68 6.16
N THR A 286 -6.30 9.41 6.55
CA THR A 286 -5.31 8.45 6.08
C THR A 286 -5.38 8.27 4.57
N GLY A 287 -6.59 8.24 4.02
CA GLY A 287 -6.74 8.18 2.56
C GLY A 287 -6.22 9.44 1.90
N GLN A 288 -6.51 10.60 2.52
CA GLN A 288 -5.99 11.88 2.01
C GLN A 288 -4.48 11.91 2.07
N PHE A 289 -3.90 11.40 3.16
CA PHE A 289 -2.44 11.42 3.30
C PHE A 289 -1.78 10.55 2.24
N SER A 290 -2.32 9.34 1.99
CA SER A 290 -1.76 8.54 0.90
C SER A 290 -1.92 9.23 -0.45
N LYS A 291 -3.10 9.82 -0.72
CA LYS A 291 -3.28 10.59 -1.95
C LYS A 291 -2.28 11.76 -2.04
N ALA A 292 -2.10 12.50 -0.94
CA ALA A 292 -1.19 13.63 -0.98
C ALA A 292 0.23 13.18 -1.30
N LEU A 293 0.64 12.03 -0.77
CA LEU A 293 1.96 11.48 -1.10
C LEU A 293 2.03 11.01 -2.55
N SER A 294 0.98 10.34 -3.05
CA SER A 294 1.01 9.90 -4.44
CA SER A 294 1.02 9.89 -4.44
C SER A 294 1.00 11.07 -5.41
N GLU A 295 0.29 12.15 -5.06
CA GLU A 295 0.28 13.33 -5.94
C GLU A 295 1.68 13.89 -6.13
N GLN A 296 2.53 13.73 -5.13
CA GLN A 296 3.93 14.15 -5.19
C GLN A 296 4.86 13.03 -5.65
N ASN A 297 4.30 11.88 -6.04
CA ASN A 297 5.07 10.69 -6.45
C ASN A 297 6.06 10.24 -5.38
N ILE A 298 5.66 10.29 -4.12
CA ILE A 298 6.52 9.89 -3.00
C ILE A 298 6.33 8.40 -2.72
N PRO A 299 7.38 7.60 -2.81
CA PRO A 299 7.23 6.15 -2.51
C PRO A 299 6.73 5.91 -1.09
N HIS A 300 5.76 4.99 -0.99
CA HIS A 300 5.12 4.66 0.28
C HIS A 300 4.19 3.46 0.08
N MET A 301 3.74 2.89 1.19
CA MET A 301 2.82 1.77 1.26
C MET A 301 1.57 2.20 2.01
N PHE A 302 0.41 1.80 1.51
CA PHE A 302 -0.86 2.18 2.12
C PHE A 302 -1.80 0.99 2.09
N GLU A 303 -2.49 0.73 3.21
CA GLU A 303 -3.48 -0.34 3.22
C GLU A 303 -4.69 0.04 4.05
N ILE A 304 -5.87 -0.19 3.50
CA ILE A 304 -7.12 -0.32 4.24
C ILE A 304 -7.39 -1.81 4.39
N TYR A 305 -7.39 -2.31 5.64
CA TYR A 305 -7.56 -3.73 5.88
C TYR A 305 -8.96 -4.10 6.38
N GLN A 306 -9.47 -5.22 5.87
CA GLN A 306 -10.84 -5.66 6.14
C GLN A 306 -11.08 -5.93 7.62
N GLY A 307 -12.23 -5.48 8.14
CA GLY A 307 -12.71 -5.90 9.44
C GLY A 307 -12.11 -5.19 10.64
N GLY A 308 -11.12 -4.31 10.46
CA GLY A 308 -10.41 -3.73 11.59
C GLY A 308 -11.08 -2.47 12.12
N THR A 309 -11.26 -2.41 13.43
CA THR A 309 -11.67 -1.19 14.09
C THR A 309 -10.42 -0.38 14.45
N HIS A 310 -10.56 0.61 15.33
CA HIS A 310 -9.38 1.36 15.76
C HIS A 310 -8.33 0.45 16.39
N ASN A 311 -8.75 -0.53 17.20
CA ASN A 311 -7.89 -1.28 18.10
C ASN A 311 -7.85 -2.78 17.88
N ASN A 312 -8.83 -3.36 17.16
CA ASN A 312 -9.09 -4.80 17.38
C ASN A 312 -8.14 -5.73 16.66
N LYS A 313 -7.35 -5.25 15.69
CA LYS A 313 -6.47 -6.15 14.94
C LYS A 313 -5.00 -5.71 15.04
N VAL A 314 -4.65 -4.92 16.07
CA VAL A 314 -3.26 -4.44 16.18
C VAL A 314 -2.29 -5.61 16.24
N ARG A 315 -2.63 -6.66 17.00
CA ARG A 315 -1.75 -7.82 17.07
C ARG A 315 -1.52 -8.42 15.69
N GLN A 316 -2.59 -8.60 14.92
CA GLN A 316 -2.45 -9.12 13.56
C GLN A 316 -1.60 -8.20 12.68
N ARG A 317 -1.74 -6.87 12.80
CA ARG A 317 -0.95 -5.97 11.99
C ARG A 317 0.53 -6.04 12.36
N LEU A 318 0.83 -6.16 13.66
CA LEU A 318 2.21 -6.35 14.11
C LEU A 318 2.81 -7.62 13.51
N GLU A 319 2.05 -8.73 13.57
CA GLU A 319 2.56 -10.06 13.23
C GLU A 319 2.58 -10.34 11.74
N THR A 320 1.80 -9.63 10.94
CA THR A 320 1.73 -9.92 9.51
C THR A 320 2.16 -8.76 8.64
N ARG A 321 2.44 -7.59 9.21
CA ARG A 321 2.82 -6.42 8.41
C ARG A 321 3.99 -5.63 8.99
N LEU A 322 3.83 -5.12 10.21
CA LEU A 322 4.72 -4.07 10.72
C LEU A 322 6.12 -4.60 11.00
N LEU A 323 6.23 -5.70 11.73
CA LEU A 323 7.55 -6.20 12.09
C LEU A 323 8.32 -6.65 10.85
N GLN A 324 7.64 -7.31 9.90
CA GLN A 324 8.28 -7.73 8.67
C GLN A 324 8.71 -6.53 7.83
N PHE A 325 7.96 -5.43 7.87
CA PHE A 325 8.31 -4.19 7.17
C PHE A 325 9.68 -3.68 7.63
N PHE A 326 9.93 -3.64 8.95
CA PHE A 326 11.23 -3.16 9.43
C PHE A 326 12.33 -4.19 9.17
N SER A 327 12.00 -5.49 9.20
CA SER A 327 13.00 -6.49 8.84
C SER A 327 13.46 -6.31 7.39
N GLU A 328 12.58 -5.81 6.52
CA GLU A 328 12.97 -5.55 5.14
C GLU A 328 13.66 -4.20 4.98
N LYS A 329 13.14 -3.15 5.66
CA LYS A 329 13.61 -1.81 5.33
C LYS A 329 14.89 -1.43 6.06
N LEU A 330 15.09 -1.95 7.27
CA LEU A 330 16.26 -1.58 8.06
C LEU A 330 17.48 -2.37 7.62
N ASP A 331 18.66 -1.76 7.77
CA ASP A 331 19.94 -2.45 7.52
C ASP A 331 20.36 -3.20 8.78
N PHE A 332 20.63 -4.50 8.64
CA PHE A 332 21.01 -5.32 9.78
C PHE A 332 22.51 -5.57 9.87
N THR A 333 23.27 -5.11 8.88
CA THR A 333 24.72 -5.13 8.91
C THR A 333 25.23 -3.73 8.57
N ASN A 334 26.50 -3.49 8.90
CA ASN A 334 27.13 -2.31 8.32
C ASN A 334 27.51 -2.58 6.88
N PRO A 335 27.57 -1.53 6.04
CA PRO A 335 27.95 -1.73 4.64
C PRO A 335 29.35 -2.29 4.47
N ASN A 336 29.51 -3.20 3.51
CA ASN A 336 30.81 -3.80 3.26
C ASN A 336 31.55 -3.03 2.17
N ALA A 337 32.81 -3.42 1.94
CA ALA A 337 33.68 -2.64 1.07
C ALA A 337 33.10 -2.53 -0.34
N ALA A 338 32.52 -3.62 -0.85
CA ALA A 338 31.96 -3.58 -2.20
C ALA A 338 30.70 -2.73 -2.25
N ALA A 339 29.89 -2.75 -1.19
CA ALA A 339 28.70 -1.90 -1.17
C ALA A 339 29.08 -0.42 -1.15
N LEU A 340 30.08 -0.07 -0.33
CA LEU A 340 30.58 1.31 -0.33
C LEU A 340 31.00 1.73 -1.74
N GLU A 341 31.81 0.89 -2.39
CA GLU A 341 32.30 1.22 -3.74
C GLU A 341 31.15 1.23 -4.76
N HIS A 342 30.17 0.32 -4.59
CA HIS A 342 29.10 0.21 -5.56
C HIS A 342 28.10 1.36 -5.44
N HIS A 343 27.89 1.87 -4.22
CA HIS A 343 26.99 3.01 -4.02
C HIS A 343 27.62 4.34 -4.43
N HIS A 344 28.89 4.36 -4.83
CA HIS A 344 29.46 5.57 -5.40
C HIS A 344 28.94 5.78 -6.82
N HIS A 345 29.03 7.03 -7.27
CA HIS A 345 28.50 7.42 -8.58
C HIS A 345 29.56 7.20 -9.66
N HIS A 346 29.16 6.52 -10.74
CA HIS A 346 30.06 6.16 -11.83
C HIS A 346 29.72 6.87 -13.14
N HIS A 347 28.93 7.94 -13.07
CA HIS A 347 28.61 8.74 -14.26
C HIS A 347 29.19 10.14 -14.18
N HIS B 1 11.53 -31.45 -5.38
CA HIS B 1 11.61 -30.00 -5.42
C HIS B 1 11.46 -29.40 -6.82
N ALA B 2 11.43 -30.23 -7.86
CA ALA B 2 11.27 -29.76 -9.23
C ALA B 2 9.82 -29.84 -9.66
N GLY B 3 9.22 -28.67 -9.92
CA GLY B 3 7.92 -28.60 -10.54
C GLY B 3 8.04 -28.77 -12.05
N ARG B 4 6.93 -28.57 -12.74
CA ARG B 4 6.88 -28.79 -14.18
C ARG B 4 6.09 -27.67 -14.83
N LEU B 5 6.52 -27.27 -16.01
CA LEU B 5 5.77 -26.32 -16.82
C LEU B 5 5.23 -27.07 -18.03
N ILE B 6 3.91 -27.10 -18.16
CA ILE B 6 3.22 -27.70 -19.31
C ILE B 6 2.70 -26.62 -20.27
N GLU B 7 2.95 -26.83 -21.57
CA GLU B 7 2.39 -25.99 -22.62
C GLU B 7 1.44 -26.83 -23.45
N VAL B 8 0.24 -26.31 -23.71
CA VAL B 8 -0.82 -27.06 -24.38
C VAL B 8 -1.71 -26.07 -25.11
N LYS B 9 -2.24 -26.51 -26.26
CA LYS B 9 -3.26 -25.76 -26.98
C LYS B 9 -4.66 -26.18 -26.50
N ILE B 10 -5.50 -25.21 -26.18
CA ILE B 10 -6.82 -25.47 -25.59
C ILE B 10 -7.89 -24.84 -26.47
N PRO B 11 -9.14 -25.27 -26.33
CA PRO B 11 -10.23 -24.65 -27.10
C PRO B 11 -10.53 -23.25 -26.61
N ALA B 12 -10.76 -22.35 -27.56
CA ALA B 12 -11.10 -20.95 -27.27
C ALA B 12 -12.37 -20.56 -28.01
N PRO B 13 -13.51 -21.21 -27.69
CA PRO B 13 -14.73 -20.94 -28.45
C PRO B 13 -15.25 -19.53 -28.29
N SER B 14 -14.92 -18.84 -27.20
CA SER B 14 -15.35 -17.45 -27.01
C SER B 14 -14.78 -16.53 -28.07
N LEU B 15 -13.71 -16.95 -28.75
CA LEU B 15 -13.13 -16.15 -29.83
C LEU B 15 -13.76 -16.43 -31.20
N LYS B 16 -14.74 -17.34 -31.28
CA LYS B 16 -15.37 -17.67 -32.57
C LYS B 16 -16.05 -16.46 -33.17
N GLY B 17 -15.82 -16.24 -34.46
CA GLY B 17 -16.47 -15.16 -35.19
C GLY B 17 -15.73 -13.85 -35.18
N ASN B 18 -14.54 -13.79 -34.58
CA ASN B 18 -13.76 -12.57 -34.62
C ASN B 18 -13.32 -12.27 -36.06
N LEU B 19 -13.18 -10.98 -36.35
CA LEU B 19 -12.93 -10.53 -37.71
C LEU B 19 -11.45 -10.45 -38.06
N LEU B 20 -10.56 -10.79 -37.12
CA LEU B 20 -9.12 -10.55 -37.27
C LEU B 20 -8.36 -11.79 -37.68
N GLY B 21 -9.03 -12.91 -37.91
CA GLY B 21 -8.31 -14.13 -38.25
C GLY B 21 -7.57 -14.77 -37.09
N ASP B 22 -7.86 -14.37 -35.86
CA ASP B 22 -7.23 -15.02 -34.72
C ASP B 22 -7.88 -16.38 -34.48
N PRO B 23 -7.10 -17.40 -34.11
CA PRO B 23 -7.64 -18.75 -33.99
C PRO B 23 -8.51 -18.95 -32.76
N THR B 24 -9.45 -19.89 -32.89
CA THR B 24 -10.33 -20.32 -31.82
C THR B 24 -9.75 -21.48 -31.02
N GLU B 25 -8.44 -21.68 -31.13
CA GLU B 25 -7.65 -22.49 -30.22
C GLU B 25 -6.48 -21.61 -29.80
N GLN B 26 -6.05 -21.73 -28.54
CA GLN B 26 -5.03 -20.86 -27.96
C GLN B 26 -4.10 -21.65 -27.06
N SER B 27 -2.81 -21.28 -27.04
CA SER B 27 -1.86 -21.96 -26.15
C SER B 27 -1.82 -21.32 -24.77
N ILE B 28 -1.56 -22.16 -23.77
CA ILE B 28 -1.37 -21.75 -22.38
C ILE B 28 -0.18 -22.48 -21.79
N ALA B 29 0.30 -21.97 -20.67
CA ALA B 29 1.36 -22.59 -19.89
C ALA B 29 0.83 -22.78 -18.48
N VAL B 30 1.13 -23.94 -17.89
CA VAL B 30 0.65 -24.31 -16.56
C VAL B 30 1.84 -24.80 -15.74
N TYR B 31 2.07 -24.18 -14.59
CA TYR B 31 3.09 -24.65 -13.65
C TYR B 31 2.45 -25.55 -12.61
N LEU B 32 2.94 -26.78 -12.49
CA LEU B 32 2.46 -27.71 -11.47
C LEU B 32 3.52 -27.87 -10.40
N PRO B 33 3.22 -27.65 -9.12
CA PRO B 33 4.27 -27.69 -8.10
C PRO B 33 4.87 -29.09 -7.97
N ALA B 34 5.99 -29.14 -7.25
CA ALA B 34 6.82 -30.35 -7.18
C ALA B 34 6.09 -31.54 -6.57
N SER B 35 5.14 -31.28 -5.68
CA SER B 35 4.40 -32.36 -5.01
C SER B 35 3.32 -32.98 -5.89
N TYR B 36 3.13 -32.49 -7.11
CA TYR B 36 1.95 -32.89 -7.89
C TYR B 36 1.90 -34.38 -8.12
N GLU B 37 3.04 -34.99 -8.43
CA GLU B 37 3.05 -36.42 -8.71
C GLU B 37 3.24 -37.25 -7.45
N SER B 38 3.93 -36.72 -6.44
CA SER B 38 4.15 -37.44 -5.19
C SER B 38 2.99 -37.33 -4.21
N ALA B 39 2.05 -36.40 -4.40
CA ALA B 39 0.86 -36.28 -3.56
C ALA B 39 -0.37 -36.30 -4.45
N PRO B 40 -0.75 -37.48 -4.94
CA PRO B 40 -1.73 -37.52 -6.05
C PRO B 40 -3.15 -37.08 -5.68
N ALA B 41 -3.50 -37.01 -4.40
CA ALA B 41 -4.84 -36.57 -4.01
C ALA B 41 -4.90 -35.10 -3.61
N LYS B 42 -3.76 -34.41 -3.55
CA LYS B 42 -3.73 -33.03 -3.12
C LYS B 42 -4.31 -32.13 -4.20
N ARG B 43 -5.00 -31.07 -3.78
CA ARG B 43 -5.51 -30.06 -4.71
C ARG B 43 -4.96 -28.69 -4.32
N TYR B 44 -4.80 -27.83 -5.33
CA TYR B 44 -4.03 -26.60 -5.21
C TYR B 44 -4.87 -25.39 -5.60
N PRO B 45 -4.72 -24.26 -4.91
CA PRO B 45 -5.22 -22.99 -5.46
C PRO B 45 -4.51 -22.66 -6.76
N THR B 46 -5.12 -21.77 -7.54
CA THR B 46 -4.63 -21.44 -8.87
C THR B 46 -4.44 -19.94 -8.98
N LEU B 47 -3.31 -19.53 -9.55
CA LEU B 47 -2.99 -18.13 -9.85
C LEU B 47 -2.89 -17.96 -11.35
N TYR B 48 -3.74 -17.08 -11.91
CA TYR B 48 -3.75 -16.72 -13.33
C TYR B 48 -2.91 -15.46 -13.55
N LEU B 49 -1.88 -15.56 -14.40
CA LEU B 49 -0.91 -14.48 -14.61
C LEU B 49 -1.00 -13.97 -16.03
N LEU B 50 -1.30 -12.67 -16.19
CA LEU B 50 -1.55 -12.09 -17.52
C LEU B 50 -0.41 -11.18 -17.98
N HIS B 51 0.04 -11.39 -19.22
CA HIS B 51 1.13 -10.59 -19.79
C HIS B 51 0.62 -9.26 -20.35
N GLY B 52 1.57 -8.39 -20.74
CA GLY B 52 1.24 -7.06 -21.22
C GLY B 52 1.18 -6.96 -22.74
N TYR B 53 1.02 -5.71 -23.21
CA TYR B 53 0.77 -5.44 -24.63
C TYR B 53 2.03 -5.69 -25.46
N THR B 54 1.85 -6.30 -26.63
CA THR B 54 2.86 -6.88 -27.52
C THR B 54 3.49 -8.14 -26.94
N GLY B 55 3.11 -8.56 -25.74
CA GLY B 55 3.71 -9.72 -25.11
C GLY B 55 2.92 -10.99 -25.34
N THR B 56 3.55 -12.10 -24.97
CA THR B 56 2.89 -13.41 -24.85
C THR B 56 3.24 -13.98 -23.48
N ASN B 57 2.79 -15.23 -23.23
CA ASN B 57 3.12 -15.84 -21.96
C ASN B 57 4.61 -16.14 -21.82
N LYS B 58 5.40 -15.98 -22.89
CA LYS B 58 6.85 -16.08 -22.77
C LYS B 58 7.44 -15.05 -21.81
N THR B 59 6.73 -13.94 -21.59
CA THR B 59 7.08 -12.98 -20.54
C THR B 59 7.31 -13.68 -19.21
N TRP B 60 6.43 -14.61 -18.89
CA TRP B 60 6.50 -15.36 -17.65
C TRP B 60 7.37 -16.61 -17.77
N THR B 61 7.28 -17.32 -18.89
CA THR B 61 7.82 -18.68 -18.94
C THR B 61 9.26 -18.75 -19.43
N SER B 62 9.72 -17.78 -20.21
CA SER B 62 11.02 -17.91 -20.86
C SER B 62 12.15 -17.84 -19.84
N PRO B 63 13.17 -18.72 -19.95
CA PRO B 63 14.36 -18.57 -19.10
C PRO B 63 15.04 -17.22 -19.25
N GLU B 64 14.89 -16.57 -20.40
CA GLU B 64 15.47 -15.24 -20.55
C GLU B 64 14.59 -14.15 -19.99
N ALA B 65 13.38 -14.48 -19.52
CA ALA B 65 12.51 -13.48 -18.93
C ALA B 65 12.29 -13.84 -17.46
N MET B 66 11.04 -13.94 -17.03
CA MET B 66 10.77 -14.18 -15.62
C MET B 66 11.06 -15.61 -15.18
N ASN B 67 11.12 -16.57 -16.12
CA ASN B 67 11.50 -17.95 -15.81
C ASN B 67 10.66 -18.50 -14.64
N ILE B 68 9.34 -18.47 -14.83
CA ILE B 68 8.41 -18.80 -13.74
C ILE B 68 8.66 -20.20 -13.18
N ARG B 69 9.07 -21.16 -14.00
CA ARG B 69 9.34 -22.49 -13.44
C ARG B 69 10.43 -22.44 -12.38
N ALA B 70 11.56 -21.79 -12.70
CA ALA B 70 12.65 -21.70 -11.74
C ALA B 70 12.24 -20.86 -10.54
N MET B 71 11.47 -19.79 -10.78
CA MET B 71 11.11 -18.93 -9.66
C MET B 71 10.20 -19.67 -8.70
N MET B 72 9.25 -20.44 -9.23
CA MET B 72 8.26 -21.05 -8.37
C MET B 72 8.87 -22.25 -7.65
N ASP B 73 9.77 -22.97 -8.34
CA ASP B 73 10.52 -24.03 -7.69
C ASP B 73 11.23 -23.51 -6.45
N GLU B 74 11.96 -22.39 -6.59
CA GLU B 74 12.75 -21.90 -5.48
CA GLU B 74 12.76 -21.85 -5.48
C GLU B 74 11.86 -21.28 -4.40
N MET B 75 10.80 -20.57 -4.80
CA MET B 75 9.95 -19.89 -3.84
C MET B 75 9.27 -20.91 -2.93
N ILE B 76 8.85 -22.02 -3.52
CA ILE B 76 8.22 -23.10 -2.77
C ILE B 76 9.25 -23.85 -1.95
N LYS B 77 10.35 -24.27 -2.59
CA LYS B 77 11.37 -25.03 -1.88
C LYS B 77 11.84 -24.31 -0.62
N SER B 78 11.98 -22.99 -0.70
CA SER B 78 12.44 -22.16 0.41
C SER B 78 11.35 -21.88 1.44
N GLY B 79 10.11 -22.26 1.18
CA GLY B 79 9.06 -22.02 2.14
C GLY B 79 8.48 -20.62 2.14
N ARG B 80 8.84 -19.80 1.15
CA ARG B 80 8.35 -18.43 1.12
C ARG B 80 6.88 -18.36 0.72
N VAL B 81 6.41 -19.29 -0.13
CA VAL B 81 5.01 -19.34 -0.50
C VAL B 81 4.54 -20.79 -0.45
N GLN B 82 3.24 -20.98 -0.23
CA GLN B 82 2.66 -22.31 -0.35
C GLN B 82 2.53 -22.71 -1.81
N GLU B 83 2.33 -24.01 -2.04
CA GLU B 83 2.25 -24.56 -3.39
C GLU B 83 0.97 -24.08 -4.07
N MET B 84 1.12 -23.48 -5.26
CA MET B 84 -0.04 -23.19 -6.09
C MET B 84 0.28 -23.51 -7.54
N ILE B 85 -0.76 -23.78 -8.28
CA ILE B 85 -0.72 -23.93 -9.73
C ILE B 85 -0.74 -22.53 -10.34
N VAL B 86 0.11 -22.29 -11.32
CA VAL B 86 0.19 -20.99 -11.99
C VAL B 86 -0.11 -21.19 -13.47
N VAL B 87 -1.07 -20.43 -13.98
CA VAL B 87 -1.54 -20.52 -15.37
C VAL B 87 -1.23 -19.20 -16.06
N ALA B 88 -0.47 -19.27 -17.14
CA ALA B 88 -0.12 -18.07 -17.92
C ALA B 88 -0.67 -18.23 -19.34
N PRO B 89 -1.79 -17.59 -19.67
CA PRO B 89 -2.38 -17.75 -21.00
C PRO B 89 -1.82 -16.73 -21.98
N ASN B 90 -1.97 -17.06 -23.26
CA ASN B 90 -1.69 -16.06 -24.30
C ASN B 90 -2.92 -15.19 -24.51
N GLY B 91 -2.70 -13.88 -24.58
CA GLY B 91 -3.77 -12.93 -24.83
C GLY B 91 -3.41 -12.05 -26.01
N TRP B 92 -2.43 -12.50 -26.77
CA TRP B 92 -2.01 -11.78 -27.97
C TRP B 92 -3.04 -11.96 -29.08
N ASN B 93 -3.24 -10.93 -29.89
CA ASN B 93 -4.15 -11.02 -31.04
C ASN B 93 -3.51 -10.31 -32.24
N ALA B 94 -4.26 -10.20 -33.34
CA ALA B 94 -3.68 -9.66 -34.56
C ALA B 94 -3.19 -8.22 -34.37
N TYR B 95 -3.79 -7.47 -33.45
CA TYR B 95 -3.32 -6.12 -33.15
C TYR B 95 -2.33 -6.09 -32.00
N LYS B 96 -1.78 -7.25 -31.63
CA LYS B 96 -0.67 -7.48 -30.68
C LYS B 96 -1.15 -7.43 -29.23
N GLY B 97 -2.45 -7.52 -28.98
CA GLY B 97 -2.99 -7.61 -27.64
C GLY B 97 -4.45 -7.19 -27.62
N ALA B 98 -5.28 -8.05 -27.04
CA ALA B 98 -6.74 -7.88 -27.01
C ALA B 98 -7.25 -7.22 -25.74
N PHE B 99 -6.36 -6.94 -24.78
CA PHE B 99 -6.73 -6.29 -23.52
C PHE B 99 -7.78 -7.08 -22.73
N TYR B 100 -7.84 -8.40 -22.93
CA TYR B 100 -8.68 -9.29 -22.12
C TYR B 100 -10.13 -8.80 -22.07
N THR B 101 -10.62 -8.24 -23.19
CA THR B 101 -11.93 -7.60 -23.26
C THR B 101 -12.80 -8.21 -24.34
N ASN B 102 -14.12 -8.31 -24.07
CA ASN B 102 -15.09 -8.78 -25.07
C ASN B 102 -15.33 -7.71 -26.13
N SER B 103 -15.26 -8.12 -27.40
CA SER B 103 -15.37 -7.22 -28.54
C SER B 103 -15.92 -7.97 -29.74
N ALA B 104 -16.78 -7.30 -30.52
CA ALA B 104 -17.34 -7.90 -31.71
C ALA B 104 -16.30 -8.08 -32.82
N VAL B 105 -15.19 -7.35 -32.76
CA VAL B 105 -14.13 -7.47 -33.76
C VAL B 105 -13.03 -8.42 -33.31
N THR B 106 -12.58 -8.33 -32.05
CA THR B 106 -11.48 -9.16 -31.59
C THR B 106 -11.91 -10.53 -31.08
N GLY B 107 -13.16 -10.69 -30.68
CA GLY B 107 -13.64 -11.87 -29.98
C GLY B 107 -13.91 -11.58 -28.52
N ASN B 108 -14.52 -12.56 -27.86
CA ASN B 108 -14.88 -12.42 -26.46
C ASN B 108 -13.73 -12.86 -25.55
N TRP B 109 -12.71 -11.99 -25.51
CA TRP B 109 -11.49 -12.30 -24.77
C TRP B 109 -11.70 -12.26 -23.26
N GLU B 110 -12.68 -11.47 -22.78
CA GLU B 110 -13.01 -11.55 -21.35
C GLU B 110 -13.60 -12.92 -21.03
N ASP B 111 -14.56 -13.38 -21.84
CA ASP B 111 -15.13 -14.73 -21.67
C ASP B 111 -14.07 -15.80 -21.82
N TYR B 112 -13.09 -15.59 -22.71
CA TYR B 112 -12.05 -16.60 -22.88
C TYR B 112 -11.31 -16.85 -21.54
N ILE B 113 -11.01 -15.79 -20.80
CA ILE B 113 -10.28 -15.97 -19.55
C ILE B 113 -11.16 -16.61 -18.48
N TYR B 114 -12.33 -16.03 -18.18
CA TYR B 114 -13.05 -16.49 -17.00
C TYR B 114 -13.91 -17.72 -17.27
N ARG B 115 -14.24 -18.02 -18.53
CA ARG B 115 -14.99 -19.23 -18.88
C ARG B 115 -14.08 -20.26 -19.55
N ASP B 116 -13.68 -20.06 -20.82
CA ASP B 116 -12.92 -21.07 -21.55
C ASP B 116 -11.69 -21.52 -20.75
N LEU B 117 -10.87 -20.56 -20.28
CA LEU B 117 -9.59 -20.91 -19.67
C LEU B 117 -9.78 -21.57 -18.31
N VAL B 118 -10.51 -20.91 -17.41
CA VAL B 118 -10.67 -21.45 -16.06
C VAL B 118 -11.34 -22.82 -16.10
N GLN B 119 -12.34 -22.99 -16.94
CA GLN B 119 -13.03 -24.27 -17.00
C GLN B 119 -12.12 -25.36 -17.57
N TYR B 120 -11.32 -25.03 -18.58
CA TYR B 120 -10.32 -25.98 -19.07
C TYR B 120 -9.38 -26.41 -17.94
N VAL B 121 -8.74 -25.45 -17.27
CA VAL B 121 -7.73 -25.77 -16.28
C VAL B 121 -8.32 -26.62 -15.15
N ASP B 122 -9.52 -26.24 -14.68
CA ASP B 122 -10.19 -26.99 -13.62
C ASP B 122 -10.55 -28.40 -14.04
N ALA B 123 -10.87 -28.61 -15.33
CA ALA B 123 -11.21 -29.94 -15.79
C ALA B 123 -10.01 -30.83 -16.01
N ASN B 124 -8.81 -30.26 -16.11
CA ASN B 124 -7.64 -31.03 -16.51
C ASN B 124 -6.53 -31.09 -15.47
N TYR B 125 -6.57 -30.25 -14.43
CA TYR B 125 -5.57 -30.21 -13.39
C TYR B 125 -6.26 -30.14 -12.03
N ARG B 126 -5.55 -30.57 -10.98
CA ARG B 126 -6.15 -30.74 -9.65
C ARG B 126 -6.18 -29.40 -8.91
N THR B 127 -7.09 -28.52 -9.35
CA THR B 127 -7.30 -27.23 -8.71
C THR B 127 -8.39 -27.35 -7.66
N ILE B 128 -8.44 -26.36 -6.75
CA ILE B 128 -9.58 -26.21 -5.87
C ILE B 128 -10.58 -25.31 -6.58
N THR B 129 -11.79 -25.83 -6.82
CA THR B 129 -12.79 -25.12 -7.62
C THR B 129 -13.67 -24.21 -6.73
N ARG B 130 -13.03 -23.21 -6.12
CA ARG B 130 -13.71 -22.18 -5.35
C ARG B 130 -13.05 -20.83 -5.64
N ALA B 131 -13.86 -19.78 -5.75
CA ALA B 131 -13.30 -18.45 -5.98
C ALA B 131 -12.32 -18.07 -4.88
N GLU B 132 -12.58 -18.52 -3.65
CA GLU B 132 -11.66 -18.25 -2.54
C GLU B 132 -10.28 -18.84 -2.79
N SER B 133 -10.13 -19.73 -3.77
CA SER B 133 -8.87 -20.39 -4.06
C SER B 133 -8.36 -20.05 -5.46
N ARG B 134 -8.79 -18.93 -6.02
CA ARG B 134 -8.48 -18.51 -7.38
C ARG B 134 -8.04 -17.06 -7.37
N GLY B 135 -6.80 -16.81 -7.79
CA GLY B 135 -6.27 -15.46 -7.86
C GLY B 135 -5.94 -15.03 -9.29
N ILE B 136 -5.88 -13.72 -9.56
CA ILE B 136 -5.58 -13.24 -10.90
C ILE B 136 -4.67 -12.02 -10.79
N ALA B 137 -3.65 -11.97 -11.64
CA ALA B 137 -2.64 -10.92 -11.60
C ALA B 137 -2.13 -10.66 -13.01
N GLY B 138 -1.46 -9.53 -13.17
CA GLY B 138 -0.93 -9.18 -14.48
C GLY B 138 -0.12 -7.91 -14.41
N HIS B 139 0.68 -7.70 -15.46
CA HIS B 139 1.50 -6.51 -15.63
C HIS B 139 1.01 -5.74 -16.85
N SER B 140 0.87 -4.42 -16.72
CA SER B 140 0.53 -3.52 -17.84
C SER B 140 -0.85 -3.87 -18.38
N MET B 141 -0.99 -4.18 -19.68
CA MET B 141 -2.24 -4.76 -20.20
C MET B 141 -2.76 -5.89 -19.30
N GLY B 142 -1.86 -6.69 -18.74
CA GLY B 142 -2.29 -7.75 -17.84
C GLY B 142 -2.84 -7.23 -16.52
N GLY B 143 -2.34 -6.07 -16.05
CA GLY B 143 -2.90 -5.47 -14.85
C GLY B 143 -4.28 -4.93 -15.08
N TYR B 144 -4.48 -4.28 -16.23
CA TYR B 144 -5.83 -3.91 -16.68
C TYR B 144 -6.74 -5.12 -16.70
N GLY B 145 -6.31 -6.19 -17.39
CA GLY B 145 -7.14 -7.39 -17.47
C GLY B 145 -7.47 -7.97 -16.09
N ALA B 146 -6.46 -8.05 -15.22
CA ALA B 146 -6.66 -8.65 -13.90
C ALA B 146 -7.71 -7.89 -13.12
N LEU B 147 -7.57 -6.56 -13.05
CA LEU B 147 -8.55 -5.74 -12.32
C LEU B 147 -9.95 -5.88 -12.90
N THR B 148 -10.11 -5.67 -14.23
CA THR B 148 -11.46 -5.75 -14.77
C THR B 148 -12.06 -7.14 -14.59
N LEU B 149 -11.27 -8.19 -14.80
CA LEU B 149 -11.79 -9.54 -14.62
C LEU B 149 -12.22 -9.79 -13.17
N ALA B 150 -11.44 -9.30 -12.20
CA ALA B 150 -11.79 -9.46 -10.78
C ALA B 150 -13.01 -8.63 -10.41
N MET B 151 -13.06 -7.36 -10.85
CA MET B 151 -14.27 -6.58 -10.59
C MET B 151 -15.50 -7.14 -11.28
N ASN B 152 -15.37 -7.78 -12.46
CA ASN B 152 -16.56 -8.30 -13.11
C ASN B 152 -16.93 -9.73 -12.71
N HIS B 153 -16.04 -10.45 -12.05
CA HIS B 153 -16.26 -11.87 -11.77
C HIS B 153 -15.69 -12.22 -10.41
N ALA B 154 -16.12 -11.47 -9.38
CA ALA B 154 -15.67 -11.75 -8.02
C ALA B 154 -16.21 -13.07 -7.48
N ASP B 155 -17.10 -13.73 -8.24
CA ASP B 155 -17.52 -15.09 -7.93
C ASP B 155 -16.66 -16.14 -8.64
N VAL B 156 -15.65 -15.70 -9.38
CA VAL B 156 -14.67 -16.59 -9.99
C VAL B 156 -13.28 -16.39 -9.40
N PHE B 157 -12.85 -15.14 -9.27
CA PHE B 157 -11.55 -14.75 -8.72
C PHE B 157 -11.77 -13.97 -7.44
N SER B 158 -11.06 -14.32 -6.36
CA SER B 158 -11.29 -13.60 -5.11
C SER B 158 -10.15 -12.65 -4.73
N ALA B 159 -9.01 -12.69 -5.44
CA ALA B 159 -7.89 -11.85 -5.10
C ALA B 159 -7.23 -11.39 -6.40
N VAL B 160 -6.76 -10.14 -6.42
CA VAL B 160 -6.23 -9.57 -7.65
C VAL B 160 -5.02 -8.71 -7.30
N TYR B 161 -3.98 -8.78 -8.15
CA TYR B 161 -2.78 -7.98 -8.02
C TYR B 161 -2.45 -7.39 -9.38
N ALA B 162 -2.42 -6.06 -9.48
CA ALA B 162 -2.11 -5.36 -10.72
C ALA B 162 -0.75 -4.67 -10.58
N LEU B 163 0.25 -5.19 -11.32
CA LEU B 163 1.56 -4.54 -11.42
C LEU B 163 1.52 -3.45 -12.49
N SER B 164 1.72 -2.19 -12.10
CA SER B 164 1.76 -1.06 -13.03
C SER B 164 0.72 -1.19 -14.15
N PRO B 165 -0.58 -1.29 -13.82
CA PRO B 165 -1.62 -1.51 -14.83
C PRO B 165 -1.76 -0.35 -15.83
N CYS B 166 -2.00 -0.72 -17.08
CA CYS B 166 -2.28 0.21 -18.18
C CYS B 166 -3.77 0.54 -18.18
N CYS B 167 -4.12 1.69 -18.77
CA CYS B 167 -5.49 1.97 -19.21
C CYS B 167 -6.51 1.98 -18.06
N LEU B 168 -6.10 2.40 -16.86
CA LEU B 168 -7.06 2.58 -15.77
C LEU B 168 -7.98 3.77 -16.05
N GLY B 169 -7.47 4.80 -16.71
CA GLY B 169 -8.24 6.00 -16.97
C GLY B 169 -7.54 6.86 -18.00
N MET B 170 -8.24 7.92 -18.43
CA MET B 170 -7.78 8.81 -19.49
C MET B 170 -7.01 9.98 -18.87
N GLU B 171 -5.70 9.81 -18.71
CA GLU B 171 -4.83 10.87 -18.23
C GLU B 171 -3.50 10.81 -18.96
N GLY B 172 -2.73 11.87 -18.86
CA GLY B 172 -1.34 11.82 -19.29
C GLY B 172 -1.20 11.43 -20.76
N ASP B 173 -0.36 10.45 -21.03
CA ASP B 173 -0.02 10.07 -22.39
C ASP B 173 -1.13 9.30 -23.07
N PHE B 174 -2.29 9.15 -22.45
CA PHE B 174 -3.42 8.53 -23.13
C PHE B 174 -4.40 9.53 -23.74
N THR B 175 -4.28 10.80 -23.40
CA THR B 175 -5.20 11.81 -23.91
C THR B 175 -4.65 12.43 -25.19
N ALA B 176 -5.31 13.50 -25.63
CA ALA B 176 -4.88 14.24 -26.83
C ALA B 176 -3.52 14.91 -26.67
N GLU B 177 -2.99 15.02 -25.45
CA GLU B 177 -1.65 15.60 -25.34
C GLU B 177 -0.60 14.68 -25.95
N ASN B 178 -0.90 13.41 -26.20
CA ASN B 178 -0.01 12.51 -26.91
C ASN B 178 -0.06 12.80 -28.41
N SER B 179 1.07 13.26 -28.96
CA SER B 179 1.15 13.53 -30.40
C SER B 179 0.93 12.29 -31.25
N ALA B 180 1.03 11.09 -30.67
CA ALA B 180 0.78 9.87 -31.42
C ALA B 180 -0.67 9.75 -31.87
N TRP B 181 -1.61 10.47 -31.24
CA TRP B 181 -3.01 10.31 -31.60
C TRP B 181 -3.28 10.86 -32.99
N LEU B 182 -2.71 12.02 -33.32
CA LEU B 182 -2.93 12.61 -34.63
C LEU B 182 -2.41 11.71 -35.75
N LYS B 183 -1.29 11.03 -35.52
CA LYS B 183 -0.76 10.12 -36.52
C LYS B 183 -1.54 8.80 -36.58
N THR B 184 -2.15 8.41 -35.47
CA THR B 184 -3.01 7.23 -35.46
C THR B 184 -4.27 7.47 -36.28
N LEU B 185 -4.89 8.64 -36.12
CA LEU B 185 -6.10 8.96 -36.88
C LEU B 185 -5.84 8.96 -38.39
N ARG B 186 -4.59 9.14 -38.80
CA ARG B 186 -4.26 9.27 -40.22
C ARG B 186 -3.75 7.96 -40.82
N LEU B 187 -3.74 6.87 -40.06
CA LEU B 187 -3.33 5.59 -40.59
C LEU B 187 -4.27 5.13 -41.70
N LYS B 188 -3.69 4.63 -42.79
CA LYS B 188 -4.45 4.24 -43.97
C LYS B 188 -4.60 2.74 -44.14
N SER B 189 -3.68 1.92 -43.61
CA SER B 189 -3.76 0.48 -43.83
C SER B 189 -3.15 -0.28 -42.66
N LYS B 190 -3.37 -1.60 -42.66
CA LYS B 190 -2.81 -2.47 -41.63
C LYS B 190 -1.33 -2.74 -41.82
N GLU B 191 -0.79 -2.51 -43.01
CA GLU B 191 0.62 -2.76 -43.26
C GLU B 191 1.50 -1.77 -42.53
N GLN B 192 0.97 -0.59 -42.20
CA GLN B 192 1.69 0.41 -41.43
C GLN B 192 1.91 0.01 -39.99
N ILE B 193 1.11 -0.92 -39.47
CA ILE B 193 1.21 -1.39 -38.09
C ILE B 193 1.47 -2.88 -38.03
N SER B 194 1.81 -3.50 -39.16
CA SER B 194 2.03 -4.94 -39.22
C SER B 194 3.25 -5.36 -38.40
N ALA B 195 4.39 -4.71 -38.61
CA ALA B 195 5.63 -5.12 -37.97
C ALA B 195 5.61 -4.80 -36.47
N ARG B 196 6.55 -5.40 -35.75
CA ARG B 196 6.72 -5.08 -34.33
C ARG B 196 7.09 -3.60 -34.20
N PRO B 197 6.48 -2.85 -33.27
CA PRO B 197 6.80 -1.41 -33.17
C PRO B 197 8.27 -1.19 -32.86
N ARG B 198 8.87 -0.23 -33.56
CA ARG B 198 10.29 0.04 -33.49
C ARG B 198 10.63 1.20 -32.57
N SER B 199 9.62 1.96 -32.14
CA SER B 199 9.81 3.21 -31.43
C SER B 199 8.61 3.39 -30.50
N LEU B 200 8.74 4.35 -29.58
CA LEU B 200 7.62 4.67 -28.70
C LEU B 200 6.39 5.08 -29.49
N GLU B 201 6.58 5.94 -30.50
CA GLU B 201 5.46 6.42 -31.30
C GLU B 201 4.74 5.27 -31.98
N GLU B 202 5.49 4.35 -32.59
CA GLU B 202 4.88 3.17 -33.21
C GLU B 202 4.15 2.33 -32.17
N PHE B 203 4.73 2.25 -30.96
CA PHE B 203 4.08 1.50 -29.88
C PHE B 203 2.73 2.12 -29.57
N TYR B 204 2.66 3.45 -29.46
CA TYR B 204 1.40 4.12 -29.19
C TYR B 204 0.39 3.92 -30.32
N GLN B 205 0.81 4.08 -31.59
CA GLN B 205 -0.10 3.87 -32.71
C GLN B 205 -0.70 2.46 -32.68
N ASN B 206 0.13 1.45 -32.45
CA ASN B 206 -0.36 0.08 -32.44
C ASN B 206 -1.33 -0.15 -31.28
N ALA B 207 -0.92 0.28 -30.08
CA ALA B 207 -1.76 0.14 -28.89
C ALA B 207 -3.11 0.82 -29.08
N PHE B 208 -3.11 2.00 -29.71
CA PHE B 208 -4.35 2.76 -29.85
C PHE B 208 -5.30 2.06 -30.81
N VAL B 209 -4.75 1.44 -31.86
CA VAL B 209 -5.61 0.68 -32.77
C VAL B 209 -6.16 -0.56 -32.05
N ALA B 210 -5.29 -1.23 -31.28
CA ALA B 210 -5.71 -2.40 -30.52
C ALA B 210 -6.79 -2.06 -29.50
N LEU B 211 -6.61 -0.95 -28.79
CA LEU B 211 -7.61 -0.54 -27.80
C LEU B 211 -8.93 -0.17 -28.47
N SER B 212 -8.86 0.49 -29.62
CA SER B 212 -10.09 0.85 -30.32
C SER B 212 -10.84 -0.40 -30.74
N ALA B 213 -10.12 -1.40 -31.26
CA ALA B 213 -10.80 -2.64 -31.63
C ALA B 213 -11.42 -3.32 -30.42
N ALA B 214 -10.78 -3.18 -29.25
CA ALA B 214 -11.28 -3.80 -28.03
C ALA B 214 -12.43 -3.02 -27.41
N PHE B 215 -12.34 -1.69 -27.40
CA PHE B 215 -13.28 -0.84 -26.67
C PHE B 215 -14.38 -0.27 -27.54
N SER B 216 -14.06 0.10 -28.78
CA SER B 216 -15.01 0.80 -29.65
C SER B 216 -14.94 0.23 -31.08
N PRO B 217 -15.25 -1.05 -31.24
CA PRO B 217 -15.13 -1.67 -32.57
C PRO B 217 -16.17 -1.15 -33.53
N ASN B 218 -15.91 -1.36 -34.82
CA ASN B 218 -16.83 -0.92 -35.87
C ASN B 218 -16.78 -1.97 -36.97
N LEU B 219 -17.80 -2.83 -37.02
CA LEU B 219 -17.87 -3.91 -38.01
C LEU B 219 -17.80 -3.40 -39.45
N THR B 220 -17.80 -2.09 -39.66
CA THR B 220 -17.91 -1.48 -40.98
C THR B 220 -16.74 -0.57 -41.37
N ARG B 221 -16.14 0.18 -40.44
CA ARG B 221 -15.12 1.13 -40.85
C ARG B 221 -13.84 0.42 -41.30
N ALA B 222 -12.96 1.19 -41.94
CA ALA B 222 -11.79 0.65 -42.59
C ALA B 222 -10.56 1.50 -42.29
N PRO B 223 -9.37 0.88 -42.24
CA PRO B 223 -9.10 -0.56 -42.49
C PRO B 223 -9.09 -1.46 -41.23
N PHE B 224 -9.24 -0.88 -40.05
CA PHE B 224 -9.02 -1.61 -38.81
C PHE B 224 -10.30 -2.13 -38.15
N PHE B 225 -11.48 -1.78 -38.69
CA PHE B 225 -12.76 -2.11 -38.08
C PHE B 225 -12.89 -1.50 -36.69
N VAL B 226 -12.52 -0.23 -36.56
CA VAL B 226 -12.54 0.46 -35.27
C VAL B 226 -13.13 1.87 -35.44
N ASP B 227 -13.66 2.37 -34.33
CA ASP B 227 -13.88 3.80 -34.12
C ASP B 227 -12.83 4.34 -33.16
N PHE B 228 -12.34 5.49 -33.44
CA PHE B 228 -11.38 6.03 -32.50
C PHE B 228 -12.07 6.92 -31.47
N PRO B 229 -11.55 7.02 -30.25
CA PRO B 229 -12.15 7.91 -29.24
C PRO B 229 -11.85 9.37 -29.46
N TYR B 230 -11.13 9.71 -30.53
CA TYR B 230 -10.73 11.07 -30.85
C TYR B 230 -10.92 11.28 -32.34
N GLN B 231 -10.94 12.55 -32.75
CA GLN B 231 -11.10 12.86 -34.17
C GLN B 231 -10.40 14.17 -34.47
N GLU B 232 -10.04 14.34 -35.73
CA GLU B 232 -9.31 15.49 -36.22
C GLU B 232 -10.28 16.46 -36.88
N ARG B 233 -10.30 17.70 -36.40
CA ARG B 233 -11.12 18.76 -36.98
C ARG B 233 -10.26 20.01 -37.10
N ASP B 234 -9.96 20.43 -38.34
CA ASP B 234 -9.08 21.58 -38.56
C ASP B 234 -7.67 21.33 -38.03
N GLY B 235 -7.20 20.09 -38.19
CA GLY B 235 -5.89 19.74 -37.67
C GLY B 235 -5.73 19.73 -36.17
N VAL B 236 -6.81 19.91 -35.39
CA VAL B 236 -6.75 19.76 -33.95
C VAL B 236 -7.52 18.51 -33.54
N VAL B 237 -6.90 17.71 -32.67
CA VAL B 237 -7.51 16.49 -32.15
C VAL B 237 -8.53 16.85 -31.09
N GLU B 238 -9.69 16.21 -31.16
CA GLU B 238 -10.77 16.45 -30.21
C GLU B 238 -11.51 15.14 -29.97
N LYS B 239 -12.35 15.14 -28.94
CA LYS B 239 -13.05 13.93 -28.56
C LYS B 239 -14.07 13.55 -29.63
N ASN B 240 -14.08 12.26 -29.99
CA ASN B 240 -15.14 11.66 -30.81
C ASN B 240 -16.10 11.01 -29.82
N GLU B 241 -17.18 11.72 -29.48
CA GLU B 241 -17.84 11.54 -28.19
C GLU B 241 -18.53 10.19 -27.98
N PRO B 242 -19.22 9.60 -28.98
CA PRO B 242 -19.81 8.27 -28.72
C PRO B 242 -18.76 7.20 -28.43
N ALA B 243 -17.66 7.16 -29.20
CA ALA B 243 -16.62 6.19 -28.93
C ALA B 243 -15.85 6.52 -27.66
N PHE B 244 -15.74 7.80 -27.31
CA PHE B 244 -15.05 8.20 -26.09
C PHE B 244 -15.77 7.66 -24.86
N ALA B 245 -17.08 7.82 -24.81
CA ALA B 245 -17.84 7.30 -23.67
C ALA B 245 -17.72 5.80 -23.56
N LYS B 246 -17.63 5.10 -24.71
CA LYS B 246 -17.39 3.66 -24.70
C LYS B 246 -16.06 3.34 -24.01
N TRP B 247 -15.01 4.09 -24.34
CA TRP B 247 -13.72 3.92 -23.68
C TRP B 247 -13.84 4.16 -22.18
N ARG B 248 -14.49 5.25 -21.77
CA ARG B 248 -14.64 5.53 -20.35
C ARG B 248 -15.37 4.40 -19.63
N SER B 249 -16.38 3.80 -20.30
CA SER B 249 -17.15 2.75 -19.66
C SER B 249 -16.36 1.46 -19.46
N LYS B 250 -15.22 1.30 -20.14
CA LYS B 250 -14.41 0.09 -20.03
C LYS B 250 -13.24 0.27 -19.08
N MET B 251 -13.15 1.42 -18.40
CA MET B 251 -11.91 1.85 -17.79
C MET B 251 -12.11 1.81 -16.28
N PRO B 252 -11.35 0.97 -15.56
CA PRO B 252 -11.73 0.64 -14.16
C PRO B 252 -11.80 1.82 -13.22
N LEU B 253 -11.02 2.89 -13.45
CA LEU B 253 -11.07 4.03 -12.55
C LEU B 253 -12.48 4.63 -12.46
N TYR B 254 -13.24 4.57 -13.54
CA TYR B 254 -14.58 5.19 -13.57
C TYR B 254 -15.67 4.18 -13.29
N MET B 255 -15.31 2.94 -13.00
CA MET B 255 -16.19 1.81 -12.76
C MET B 255 -16.44 1.55 -11.28
N ILE B 256 -15.68 2.20 -10.39
CA ILE B 256 -15.68 1.81 -8.98
C ILE B 256 -17.02 2.13 -8.34
N GLY B 257 -17.57 3.31 -8.62
CA GLY B 257 -18.88 3.64 -8.11
C GLY B 257 -19.90 2.58 -8.46
N GLU B 258 -19.87 2.12 -9.71
CA GLU B 258 -20.87 1.18 -10.21
C GLU B 258 -20.68 -0.22 -9.62
N LYS B 259 -19.42 -0.63 -9.41
CA LYS B 259 -19.08 -2.01 -9.06
C LYS B 259 -18.70 -2.17 -7.58
N LYS B 260 -18.96 -1.16 -6.75
CA LYS B 260 -18.49 -1.17 -5.37
C LYS B 260 -18.89 -2.43 -4.61
N ALA B 261 -20.15 -2.87 -4.78
CA ALA B 261 -20.60 -4.03 -4.01
C ALA B 261 -19.87 -5.29 -4.46
N ASP B 262 -19.65 -5.45 -5.76
CA ASP B 262 -18.91 -6.61 -6.23
C ASP B 262 -17.45 -6.51 -5.80
N ILE B 263 -16.87 -5.30 -5.83
CA ILE B 263 -15.46 -5.15 -5.43
C ILE B 263 -15.29 -5.49 -3.96
N LEU B 264 -16.29 -5.18 -3.13
CA LEU B 264 -16.21 -5.54 -1.71
C LEU B 264 -16.28 -7.04 -1.48
N LYS B 265 -16.63 -7.83 -2.48
CA LYS B 265 -16.60 -9.29 -2.32
C LYS B 265 -15.21 -9.87 -2.52
N LEU B 266 -14.25 -9.10 -3.03
CA LEU B 266 -12.91 -9.62 -3.21
C LEU B 266 -12.21 -9.71 -1.84
N ARG B 267 -11.51 -10.83 -1.63
CA ARG B 267 -10.73 -11.02 -0.40
C ARG B 267 -9.49 -10.13 -0.36
N GLY B 268 -8.88 -9.89 -1.52
CA GLY B 268 -7.65 -9.11 -1.59
C GLY B 268 -7.55 -8.31 -2.89
N ILE B 269 -7.10 -7.06 -2.77
CA ILE B 269 -6.85 -6.16 -3.90
C ILE B 269 -5.51 -5.48 -3.68
N ALA B 270 -4.58 -5.66 -4.62
CA ALA B 270 -3.30 -4.94 -4.57
C ALA B 270 -3.00 -4.26 -5.91
N ILE B 271 -2.43 -3.05 -5.83
CA ILE B 271 -2.00 -2.26 -7.00
C ILE B 271 -0.67 -1.61 -6.68
N ASP B 272 0.30 -1.73 -7.58
CA ASP B 272 1.55 -1.01 -7.36
C ASP B 272 2.03 -0.36 -8.65
N VAL B 273 3.06 0.45 -8.48
CA VAL B 273 3.64 1.23 -9.58
C VAL B 273 5.00 1.70 -9.11
N GLY B 274 5.91 1.86 -10.07
CA GLY B 274 7.26 2.32 -9.80
C GLY B 274 7.32 3.84 -9.77
N GLU B 275 8.12 4.35 -8.84
CA GLU B 275 8.42 5.79 -8.76
C GLU B 275 8.87 6.32 -10.13
N LYS B 276 9.61 5.52 -10.90
CA LYS B 276 10.18 5.94 -12.17
C LYS B 276 9.38 5.43 -13.36
N GLU B 277 8.10 5.09 -13.14
CA GLU B 277 7.21 4.69 -14.23
C GLU B 277 7.22 5.71 -15.36
N GLU B 278 7.47 5.24 -16.60
CA GLU B 278 7.69 6.18 -17.69
C GLU B 278 6.41 6.52 -18.45
N PHE B 279 5.36 5.72 -18.31
CA PHE B 279 4.06 6.02 -18.91
C PHE B 279 3.28 6.91 -17.96
N SER B 280 3.07 8.17 -18.34
CA SER B 280 2.47 9.10 -17.39
C SER B 280 1.06 8.70 -17.01
N HIS B 281 0.28 8.10 -17.93
CA HIS B 281 -1.07 7.70 -17.53
C HIS B 281 -1.04 6.64 -16.44
N ILE B 282 -0.01 5.79 -16.42
CA ILE B 282 0.07 4.76 -15.38
C ILE B 282 0.44 5.39 -14.04
N ARG B 283 1.45 6.26 -14.04
CA ARG B 283 1.81 6.97 -12.81
C ARG B 283 0.60 7.69 -12.22
N ILE B 284 -0.12 8.43 -13.06
CA ILE B 284 -1.21 9.25 -12.56
C ILE B 284 -2.37 8.39 -12.10
N THR B 285 -2.88 7.49 -12.96
CA THR B 285 -4.14 6.82 -12.66
C THR B 285 -4.01 5.75 -11.57
N THR B 286 -2.81 5.20 -11.34
CA THR B 286 -2.67 4.24 -10.25
C THR B 286 -2.89 4.90 -8.89
N GLY B 287 -2.33 6.09 -8.70
CA GLY B 287 -2.68 6.87 -7.51
C GLY B 287 -4.13 7.28 -7.46
N GLN B 288 -4.70 7.67 -8.60
CA GLN B 288 -6.12 8.02 -8.62
C GLN B 288 -6.97 6.80 -8.28
N PHE B 289 -6.54 5.61 -8.69
CA PHE B 289 -7.33 4.42 -8.44
C PHE B 289 -7.35 4.07 -6.95
N SER B 290 -6.20 4.17 -6.27
CA SER B 290 -6.19 3.92 -4.83
C SER B 290 -7.03 4.96 -4.10
N LYS B 291 -6.96 6.21 -4.54
CA LYS B 291 -7.79 7.24 -3.92
C LYS B 291 -9.28 6.98 -4.15
N ALA B 292 -9.64 6.54 -5.35
CA ALA B 292 -11.05 6.23 -5.58
C ALA B 292 -11.52 5.07 -4.72
N LEU B 293 -10.65 4.08 -4.48
CA LEU B 293 -11.05 2.99 -3.59
C LEU B 293 -11.13 3.47 -2.16
N SER B 294 -10.18 4.29 -1.73
CA SER B 294 -10.14 4.68 -0.32
C SER B 294 -11.30 5.62 0.01
N GLU B 295 -11.70 6.48 -0.93
CA GLU B 295 -12.85 7.35 -0.66
C GLU B 295 -14.15 6.56 -0.59
N GLN B 296 -14.19 5.34 -1.14
CA GLN B 296 -15.30 4.42 -0.92
C GLN B 296 -15.05 3.46 0.25
N ASN B 297 -13.95 3.62 0.97
CA ASN B 297 -13.63 2.76 2.11
C ASN B 297 -13.57 1.28 1.71
N ILE B 298 -13.00 1.01 0.55
CA ILE B 298 -12.84 -0.35 0.04
C ILE B 298 -11.47 -0.87 0.46
N PRO B 299 -11.39 -1.97 1.19
CA PRO B 299 -10.07 -2.53 1.55
C PRO B 299 -9.21 -2.81 0.32
N HIS B 300 -7.93 -2.47 0.43
CA HIS B 300 -6.98 -2.70 -0.65
C HIS B 300 -5.60 -2.32 -0.17
N MET B 301 -4.60 -2.74 -0.94
CA MET B 301 -3.21 -2.38 -0.71
C MET B 301 -2.66 -1.61 -1.90
N PHE B 302 -1.83 -0.61 -1.61
CA PHE B 302 -1.29 0.27 -2.65
C PHE B 302 0.17 0.59 -2.32
N GLU B 303 1.04 0.55 -3.33
CA GLU B 303 2.43 0.92 -3.12
C GLU B 303 3.01 1.60 -4.36
N ILE B 304 3.66 2.74 -4.14
CA ILE B 304 4.63 3.29 -5.07
C ILE B 304 6.02 2.87 -4.59
N TYR B 305 6.78 2.14 -5.42
CA TYR B 305 8.06 1.63 -4.95
C TYR B 305 9.25 2.37 -5.56
N GLN B 306 10.20 2.73 -4.69
CA GLN B 306 11.36 3.55 -5.08
C GLN B 306 12.10 2.95 -6.28
N GLY B 307 12.52 3.82 -7.20
CA GLY B 307 13.46 3.46 -8.24
C GLY B 307 12.95 2.55 -9.33
N GLY B 308 11.68 2.14 -9.31
CA GLY B 308 11.17 1.20 -10.29
C GLY B 308 10.70 1.88 -11.57
N THR B 309 11.16 1.37 -12.71
CA THR B 309 10.57 1.84 -13.95
C THR B 309 9.33 1.00 -14.26
N HIS B 310 8.86 1.05 -15.51
CA HIS B 310 7.73 0.20 -15.86
C HIS B 310 8.08 -1.29 -15.71
N ASN B 311 9.33 -1.66 -15.97
CA ASN B 311 9.74 -3.06 -16.04
C ASN B 311 10.91 -3.47 -15.16
N ASN B 312 11.77 -2.54 -14.71
CA ASN B 312 13.08 -2.98 -14.21
C ASN B 312 13.03 -3.71 -12.87
N LYS B 313 11.92 -3.68 -12.13
CA LYS B 313 11.87 -4.42 -10.87
C LYS B 313 10.70 -5.38 -10.79
N VAL B 314 10.14 -5.82 -11.94
CA VAL B 314 8.98 -6.69 -11.89
C VAL B 314 9.34 -8.05 -11.28
N ARG B 315 10.54 -8.56 -11.55
CA ARG B 315 10.99 -9.76 -10.85
C ARG B 315 10.98 -9.57 -9.34
N GLN B 316 11.54 -8.47 -8.86
CA GLN B 316 11.54 -8.22 -7.43
C GLN B 316 10.12 -8.15 -6.88
N ARG B 317 9.18 -7.55 -7.65
CA ARG B 317 7.81 -7.46 -7.15
C ARG B 317 7.19 -8.86 -7.04
N LEU B 318 7.44 -9.72 -8.02
CA LEU B 318 6.95 -11.10 -7.92
C LEU B 318 7.49 -11.80 -6.68
N GLU B 319 8.79 -11.67 -6.45
CA GLU B 319 9.47 -12.45 -5.41
C GLU B 319 9.28 -11.88 -4.01
N THR B 320 8.91 -10.62 -3.87
CA THR B 320 8.81 -10.02 -2.54
C THR B 320 7.43 -9.49 -2.23
N ARG B 321 6.51 -9.50 -3.18
CA ARG B 321 5.17 -8.95 -2.94
C ARG B 321 4.07 -9.82 -3.50
N LEU B 322 4.09 -10.10 -4.81
CA LEU B 322 2.90 -10.67 -5.46
C LEU B 322 2.66 -12.12 -5.03
N LEU B 323 3.70 -12.95 -5.06
CA LEU B 323 3.45 -14.35 -4.74
C LEU B 323 3.11 -14.51 -3.27
N GLN B 324 3.74 -13.71 -2.39
CA GLN B 324 3.36 -13.71 -0.98
C GLN B 324 1.90 -13.29 -0.79
N PHE B 325 1.46 -12.31 -1.58
CA PHE B 325 0.09 -11.81 -1.47
C PHE B 325 -0.93 -12.93 -1.68
N PHE B 326 -0.72 -13.76 -2.71
CA PHE B 326 -1.69 -14.83 -2.97
C PHE B 326 -1.57 -15.94 -1.95
N SER B 327 -0.35 -16.22 -1.49
CA SER B 327 -0.17 -17.24 -0.45
C SER B 327 -0.91 -16.86 0.83
N GLU B 328 -1.02 -15.56 1.13
CA GLU B 328 -1.78 -15.08 2.28
C GLU B 328 -3.27 -15.02 2.01
N LYS B 329 -3.67 -14.62 0.80
CA LYS B 329 -5.09 -14.29 0.56
C LYS B 329 -5.90 -15.48 0.08
N LEU B 330 -5.30 -16.42 -0.64
CA LEU B 330 -6.06 -17.56 -1.14
C LEU B 330 -6.23 -18.63 -0.06
N ASP B 331 -7.33 -19.37 -0.14
CA ASP B 331 -7.61 -20.49 0.77
C ASP B 331 -6.96 -21.77 0.22
N PHE B 332 -6.01 -22.31 0.97
CA PHE B 332 -5.28 -23.51 0.56
C PHE B 332 -5.91 -24.80 1.05
N THR B 333 -7.03 -24.74 1.77
CA THR B 333 -7.74 -25.94 2.19
C THR B 333 -8.79 -26.35 1.15
N ASN B 334 -9.01 -27.66 1.04
CA ASN B 334 -9.99 -28.22 0.11
C ASN B 334 -11.12 -28.86 0.89
N PRO B 335 -12.39 -28.43 0.69
CA PRO B 335 -13.58 -28.95 1.40
C PRO B 335 -13.66 -30.48 1.49
#